data_6ZRI
#
_entry.id   6ZRI
#
_cell.length_a   80.640
_cell.length_b   80.640
_cell.length_c   152.290
_cell.angle_alpha   90.000
_cell.angle_beta   90.000
_cell.angle_gamma   120.000
#
_symmetry.space_group_name_H-M   'P 32'
#
loop_
_entity.id
_entity.type
_entity.pdbx_description
1 polymer Beta-lactamase
2 non-polymer 1,2-ETHANEDIOL
3 non-polymer '(2S,3R,4S)-4-{[(3S,5S)-5-(dimethylcarbamoyl)pyrrolidin-3-yl]sulfanyl}-2-[(2S,3R)-3-hydroxy-1-oxobutan-2-yl]-3-methyl-3,4-dihydro-2H-pyrrole-5-carboxylic acid'
4 water water
#
_entity_poly.entity_id   1
_entity_poly.type   'polypeptide(L)'
_entity_poly.pdbx_seq_one_letter_code
;SITENTSWNKEFSAEAVNGVFVLCKSSSKSCATNDLARASKEYLPASTF(KCX)IPNAIIGLETGVIKNEHQVFKWDGKP
RAMKQWERDLTLRGAIQVSAVPVFQQIAREVGEVRMQKYLKKFSYGNQNISGGIDKFWLEGQLRISAVNQVEFLESLYLN
KLSASKENQLIVKEALVTEAAPEYLVHSKTGWGMGVTPQVGWWVGWVEKETEVYFFAFNMDIDNESKLPLRKSIPTKIME
SEGIIGG
;
_entity_poly.pdbx_strand_id   A,B,C,D
#
# COMPACT_ATOMS: atom_id res chain seq x y z
N SER A 1 -6.80 14.37 6.87
CA SER A 1 -8.25 14.53 7.17
C SER A 1 -8.75 13.53 8.21
N ILE A 2 -7.88 12.60 8.68
CA ILE A 2 -8.19 11.92 9.95
C ILE A 2 -7.02 12.07 10.93
N THR A 3 -7.34 12.43 12.17
CA THR A 3 -6.33 12.73 13.18
CA THR A 3 -6.33 12.74 13.19
C THR A 3 -6.56 11.85 14.40
N GLU A 4 -5.47 11.45 15.06
CA GLU A 4 -5.59 10.64 16.25
C GLU A 4 -5.71 11.53 17.47
N ASN A 5 -6.85 11.39 18.16
N ASN A 5 -6.82 11.42 18.18
CA ASN A 5 -7.22 12.11 19.36
CA ASN A 5 -7.10 12.35 19.26
C ASN A 5 -6.85 11.23 20.54
C ASN A 5 -6.89 11.50 20.51
N THR A 6 -5.64 11.50 20.99
CA THR A 6 -5.20 10.81 22.18
C THR A 6 -6.09 11.27 23.33
N SER A 7 -6.74 12.45 23.21
CA SER A 7 -7.52 12.84 24.38
C SER A 7 -8.65 11.86 24.74
N TRP A 8 -8.87 10.71 24.03
CA TRP A 8 -10.06 9.86 24.19
C TRP A 8 -9.88 8.47 24.83
N ASN A 9 -8.67 7.84 24.85
CA ASN A 9 -8.64 6.44 25.32
C ASN A 9 -8.97 6.33 26.80
N LYS A 10 -8.88 7.49 27.48
CA LYS A 10 -9.25 7.62 28.88
C LYS A 10 -10.65 7.08 29.11
N GLU A 11 -11.55 7.29 28.15
CA GLU A 11 -12.91 6.79 28.28
C GLU A 11 -12.99 5.28 28.03
N PHE A 12 -11.99 4.65 27.38
CA PHE A 12 -12.05 3.20 27.17
C PHE A 12 -11.36 2.38 28.29
N SER A 13 -10.41 3.02 29.00
CA SER A 13 -9.57 2.33 29.99
C SER A 13 -10.34 1.82 31.21
N ALA A 14 -11.32 2.60 31.71
CA ALA A 14 -12.01 2.25 32.95
C ALA A 14 -12.71 0.90 32.84
N GLU A 15 -13.25 0.61 31.64
CA GLU A 15 -14.02 -0.61 31.43
CA GLU A 15 -14.01 -0.62 31.46
C GLU A 15 -13.17 -1.63 30.67
N ALA A 16 -11.90 -1.32 30.54
CA ALA A 16 -10.98 -2.12 29.75
C ALA A 16 -11.58 -2.34 28.37
N VAL A 17 -11.92 -1.26 27.64
CA VAL A 17 -12.53 -1.49 26.34
C VAL A 17 -11.51 -1.35 25.21
N ASN A 18 -11.52 -2.39 24.35
CA ASN A 18 -10.80 -2.35 23.08
CA ASN A 18 -10.80 -2.35 23.08
C ASN A 18 -11.79 -1.89 22.00
N GLY A 19 -11.62 -0.68 21.52
CA GLY A 19 -12.62 -0.19 20.57
C GLY A 19 -12.11 1.07 19.90
N VAL A 20 -12.95 1.65 19.04
CA VAL A 20 -12.59 2.81 18.30
C VAL A 20 -13.81 3.70 18.18
N PHE A 21 -13.55 4.99 18.29
CA PHE A 21 -14.55 6.01 17.93
C PHE A 21 -14.01 6.88 16.82
N VAL A 22 -14.88 7.13 15.81
CA VAL A 22 -14.62 8.06 14.73
C VAL A 22 -15.72 9.12 14.76
N LEU A 23 -15.28 10.38 14.78
CA LEU A 23 -16.19 11.51 14.90
C LEU A 23 -15.76 12.55 13.88
N CYS A 24 -16.70 12.99 13.05
CA CYS A 24 -16.42 13.92 11.96
C CYS A 24 -17.39 15.10 12.00
N LYS A 25 -16.88 16.34 12.01
CA LYS A 25 -17.75 17.48 11.84
C LYS A 25 -17.92 17.79 10.36
N SER A 26 -19.17 18.08 9.93
CA SER A 26 -19.58 18.62 8.61
C SER A 26 -19.42 17.63 7.48
N SER A 27 -18.27 16.96 7.44
CA SER A 27 -17.95 15.99 6.41
C SER A 27 -16.92 14.99 6.93
N SER A 28 -16.74 13.91 6.15
CA SER A 28 -15.76 12.90 6.47
C SER A 28 -14.34 13.37 6.11
N LYS A 29 -14.19 14.65 5.75
CA LYS A 29 -12.89 15.31 5.52
C LYS A 29 -12.36 15.95 6.80
N SER A 30 -13.08 15.82 7.93
CA SER A 30 -12.64 16.42 9.17
C SER A 30 -12.93 15.48 10.32
N CYS A 31 -12.17 14.37 10.41
CA CYS A 31 -12.47 13.32 11.35
C CYS A 31 -11.37 13.23 12.40
N ALA A 32 -11.76 12.72 13.56
CA ALA A 32 -10.82 12.35 14.60
C ALA A 32 -11.17 10.98 15.13
N THR A 33 -10.15 10.28 15.67
CA THR A 33 -10.36 8.97 16.23
C THR A 33 -9.37 8.81 17.38
N ASN A 34 -9.69 7.92 18.30
CA ASN A 34 -8.76 7.49 19.36
C ASN A 34 -7.70 6.54 18.81
N ASP A 35 -7.94 5.92 17.63
CA ASP A 35 -7.07 4.81 17.20
C ASP A 35 -7.08 4.71 15.67
N LEU A 36 -6.06 5.28 15.00
CA LEU A 36 -5.97 5.30 13.53
C LEU A 36 -6.06 3.92 12.90
N ALA A 37 -5.36 2.93 13.48
CA ALA A 37 -5.32 1.56 12.96
C ALA A 37 -6.73 0.95 13.03
N ARG A 38 -7.35 1.04 14.21
CA ARG A 38 -8.65 0.40 14.38
C ARG A 38 -9.74 1.14 13.60
N ALA A 39 -9.58 2.45 13.42
CA ALA A 39 -10.58 3.22 12.67
C ALA A 39 -10.80 2.64 11.27
N SER A 40 -9.73 2.15 10.63
CA SER A 40 -9.80 1.66 9.26
CA SER A 40 -9.81 1.66 9.26
C SER A 40 -9.97 0.15 9.21
N LYS A 41 -9.95 -0.54 10.37
CA LYS A 41 -10.10 -1.99 10.36
C LYS A 41 -11.56 -2.40 10.14
N GLU A 42 -11.79 -3.44 9.36
CA GLU A 42 -13.17 -3.77 8.96
C GLU A 42 -13.71 -4.88 9.83
N TYR A 43 -14.95 -4.70 10.32
CA TYR A 43 -15.62 -5.64 11.21
C TYR A 43 -17.00 -6.01 10.64
N LEU A 44 -17.52 -7.14 11.10
CA LEU A 44 -18.84 -7.60 10.68
C LEU A 44 -19.87 -6.54 11.06
N PRO A 45 -20.74 -6.07 10.12
CA PRO A 45 -21.65 -4.96 10.43
C PRO A 45 -22.80 -5.34 11.35
N ALA A 46 -23.17 -6.62 11.40
CA ALA A 46 -24.32 -7.11 12.17
C ALA A 46 -25.53 -6.19 11.90
N SER A 47 -26.24 -5.77 12.95
CA SER A 47 -27.52 -5.08 12.76
C SER A 47 -27.34 -3.70 12.12
N THR A 48 -26.15 -3.13 12.08
CA THR A 48 -25.96 -1.88 11.35
C THR A 48 -26.24 -2.07 9.86
N PHE A 49 -26.22 -3.33 9.39
CA PHE A 49 -26.47 -3.57 7.97
C PHE A 49 -27.97 -3.30 7.66
N ILE A 51 -29.36 -0.60 7.84
CA ILE A 51 -29.47 0.69 7.16
C ILE A 51 -29.36 0.53 5.63
N PRO A 52 -28.27 -0.05 5.08
CA PRO A 52 -28.26 -0.26 3.62
C PRO A 52 -29.33 -1.26 3.15
N ASN A 53 -29.63 -2.28 3.95
CA ASN A 53 -30.62 -3.30 3.59
C ASN A 53 -31.98 -2.61 3.41
N ALA A 54 -32.35 -1.70 4.33
CA ALA A 54 -33.62 -0.99 4.19
C ALA A 54 -33.63 -0.13 2.93
N ILE A 55 -32.55 0.57 2.63
CA ILE A 55 -32.51 1.45 1.46
C ILE A 55 -32.67 0.58 0.19
N ILE A 56 -31.92 -0.54 0.14
CA ILE A 56 -31.90 -1.45 -1.02
C ILE A 56 -33.31 -2.05 -1.18
N GLY A 57 -33.92 -2.47 -0.06
CA GLY A 57 -35.28 -3.02 -0.02
C GLY A 57 -36.28 -2.04 -0.66
N LEU A 58 -36.15 -0.74 -0.32
CA LEU A 58 -37.04 0.27 -0.91
C LEU A 58 -36.69 0.51 -2.38
N GLU A 59 -35.41 0.62 -2.74
CA GLU A 59 -35.00 0.97 -4.10
C GLU A 59 -35.44 -0.11 -5.08
N THR A 60 -35.37 -1.36 -4.62
CA THR A 60 -35.79 -2.47 -5.49
C THR A 60 -37.30 -2.66 -5.47
N GLY A 61 -38.03 -2.04 -4.56
CA GLY A 61 -39.46 -2.33 -4.51
C GLY A 61 -39.83 -3.54 -3.64
N VAL A 62 -38.79 -4.17 -3.07
CA VAL A 62 -39.10 -5.25 -2.14
C VAL A 62 -39.88 -4.75 -0.94
N ILE A 63 -39.46 -3.59 -0.42
CA ILE A 63 -40.23 -2.86 0.58
C ILE A 63 -41.09 -1.84 -0.17
N LYS A 64 -42.38 -1.84 0.13
CA LYS A 64 -43.34 -1.05 -0.65
C LYS A 64 -43.20 0.45 -0.40
N ASN A 65 -43.19 0.87 0.88
CA ASN A 65 -43.13 2.27 1.33
C ASN A 65 -42.95 2.29 2.84
N GLU A 66 -42.87 3.49 3.49
CA GLU A 66 -42.59 3.49 4.91
C GLU A 66 -43.80 3.04 5.69
N HIS A 67 -44.96 2.88 4.99
CA HIS A 67 -46.12 2.43 5.76
C HIS A 67 -46.31 0.92 5.76
N GLN A 68 -45.42 0.17 5.10
CA GLN A 68 -45.63 -1.28 5.05
C GLN A 68 -45.54 -1.89 6.44
N VAL A 69 -46.46 -2.84 6.75
CA VAL A 69 -46.37 -3.52 8.02
C VAL A 69 -45.84 -4.93 7.77
N PHE A 70 -44.81 -5.30 8.53
CA PHE A 70 -44.25 -6.64 8.44
C PHE A 70 -44.95 -7.47 9.50
N LYS A 71 -45.84 -8.37 9.03
CA LYS A 71 -46.71 -9.12 9.92
C LYS A 71 -45.96 -10.31 10.55
N TRP A 72 -46.22 -10.61 11.83
CA TRP A 72 -45.61 -11.77 12.44
C TRP A 72 -46.56 -12.94 12.24
N ASP A 73 -46.00 -14.04 11.69
CA ASP A 73 -46.75 -15.24 11.32
C ASP A 73 -47.03 -16.14 12.52
N GLY A 74 -46.59 -15.75 13.71
CA GLY A 74 -46.92 -16.46 14.94
C GLY A 74 -45.88 -17.52 15.29
N LYS A 75 -44.89 -17.70 14.42
CA LYS A 75 -43.88 -18.71 14.68
C LYS A 75 -42.83 -18.11 15.63
N PRO A 76 -42.28 -18.91 16.58
CA PRO A 76 -41.35 -18.39 17.58
C PRO A 76 -40.16 -17.70 16.91
N ARG A 77 -39.80 -16.54 17.45
CA ARG A 77 -38.63 -15.84 16.98
C ARG A 77 -37.63 -15.80 18.12
N ALA A 78 -36.37 -15.53 17.78
CA ALA A 78 -35.28 -15.58 18.74
C ALA A 78 -35.49 -14.61 19.91
N MET A 79 -36.11 -13.43 19.67
CA MET A 79 -36.35 -12.44 20.73
C MET A 79 -37.86 -12.16 20.81
N LYS A 80 -38.39 -11.99 22.04
CA LYS A 80 -39.80 -11.69 22.25
C LYS A 80 -40.19 -10.38 21.54
N GLN A 81 -39.26 -9.41 21.55
CA GLN A 81 -39.42 -8.09 20.94
C GLN A 81 -39.74 -8.20 19.44
N TRP A 82 -39.37 -9.32 18.79
CA TRP A 82 -39.65 -9.52 17.38
C TRP A 82 -40.98 -10.23 17.12
N GLU A 83 -41.66 -10.69 18.18
CA GLU A 83 -42.85 -11.52 17.95
C GLU A 83 -44.09 -10.65 17.93
N ARG A 84 -44.16 -9.78 16.90
CA ARG A 84 -45.30 -8.89 16.73
C ARG A 84 -45.19 -8.25 15.36
N ASP A 85 -46.28 -7.62 14.89
CA ASP A 85 -46.24 -6.92 13.61
C ASP A 85 -45.38 -5.67 13.84
N LEU A 86 -44.62 -5.27 12.79
CA LEU A 86 -43.65 -4.18 12.94
C LEU A 86 -43.79 -3.28 11.73
N THR A 87 -43.70 -1.96 11.94
CA THR A 87 -43.46 -1.07 10.83
C THR A 87 -42.01 -1.14 10.37
N LEU A 88 -41.64 -0.41 9.29
CA LEU A 88 -40.25 -0.42 8.87
C LEU A 88 -39.36 0.19 9.97
N ARG A 89 -39.82 1.32 10.54
CA ARG A 89 -39.04 1.92 11.61
CA ARG A 89 -39.06 1.92 11.62
C ARG A 89 -38.93 0.98 12.80
N GLY A 90 -40.05 0.32 13.20
CA GLY A 90 -40.02 -0.61 14.32
C GLY A 90 -39.03 -1.75 14.06
N ALA A 91 -39.09 -2.32 12.82
CA ALA A 91 -38.21 -3.44 12.50
C ALA A 91 -36.73 -3.05 12.62
N ILE A 92 -36.41 -1.84 12.19
CA ILE A 92 -35.04 -1.35 12.29
C ILE A 92 -34.69 -1.12 13.75
N GLN A 93 -35.55 -0.42 14.52
CA GLN A 93 -35.18 0.04 15.84
C GLN A 93 -35.15 -1.11 16.84
N VAL A 94 -35.88 -2.20 16.61
CA VAL A 94 -35.77 -3.37 17.50
C VAL A 94 -34.83 -4.43 16.91
N SER A 95 -34.20 -4.08 15.78
CA SER A 95 -33.26 -4.97 15.07
C SER A 95 -33.89 -6.32 14.73
N ALA A 96 -35.07 -6.35 14.09
CA ALA A 96 -35.80 -7.60 13.85
C ALA A 96 -35.20 -8.37 12.66
N VAL A 97 -34.14 -9.14 12.93
CA VAL A 97 -33.38 -9.79 11.87
C VAL A 97 -34.27 -10.65 10.96
N PRO A 98 -35.33 -11.38 11.43
CA PRO A 98 -36.09 -12.22 10.50
C PRO A 98 -36.78 -11.39 9.41
N VAL A 99 -37.14 -10.13 9.73
CA VAL A 99 -37.77 -9.28 8.73
C VAL A 99 -36.74 -8.96 7.65
N PHE A 100 -35.50 -8.65 8.07
CA PHE A 100 -34.45 -8.23 7.16
C PHE A 100 -33.88 -9.42 6.38
N GLN A 101 -33.93 -10.60 6.99
CA GLN A 101 -33.52 -11.83 6.29
C GLN A 101 -34.47 -12.07 5.13
N GLN A 102 -35.79 -11.90 5.35
CA GLN A 102 -36.75 -12.07 4.25
C GLN A 102 -36.51 -10.98 3.19
N ILE A 103 -36.28 -9.74 3.62
CA ILE A 103 -35.99 -8.68 2.67
C ILE A 103 -34.76 -9.03 1.84
N ALA A 104 -33.70 -9.53 2.47
CA ALA A 104 -32.47 -9.82 1.73
C ALA A 104 -32.71 -10.97 0.72
N ARG A 105 -33.51 -11.97 1.09
CA ARG A 105 -33.79 -13.04 0.12
C ARG A 105 -34.54 -12.52 -1.11
N GLU A 106 -35.45 -11.58 -0.87
CA GLU A 106 -36.22 -11.06 -1.99
C GLU A 106 -35.39 -10.12 -2.86
N VAL A 107 -34.45 -9.36 -2.25
CA VAL A 107 -33.54 -8.54 -3.02
C VAL A 107 -32.71 -9.45 -3.92
N GLY A 108 -32.11 -10.48 -3.29
CA GLY A 108 -31.31 -11.45 -4.03
C GLY A 108 -29.85 -11.04 -4.17
N GLU A 109 -29.03 -12.05 -4.48
CA GLU A 109 -27.59 -11.87 -4.55
CA GLU A 109 -27.58 -11.88 -4.54
C GLU A 109 -27.17 -10.86 -5.59
N VAL A 110 -27.69 -10.96 -6.85
CA VAL A 110 -27.14 -10.07 -7.87
C VAL A 110 -27.40 -8.57 -7.56
N ARG A 111 -28.61 -8.27 -7.08
CA ARG A 111 -28.92 -6.89 -6.81
C ARG A 111 -28.20 -6.48 -5.52
N MET A 112 -28.18 -7.35 -4.51
CA MET A 112 -27.47 -6.97 -3.27
C MET A 112 -26.04 -6.57 -3.60
N GLN A 113 -25.36 -7.42 -4.37
CA GLN A 113 -23.98 -7.19 -4.73
C GLN A 113 -23.78 -5.84 -5.40
N LYS A 114 -24.67 -5.53 -6.34
CA LYS A 114 -24.55 -4.29 -7.08
C LYS A 114 -24.73 -3.09 -6.14
N TYR A 115 -25.74 -3.18 -5.25
CA TYR A 115 -25.99 -2.02 -4.42
C TYR A 115 -24.85 -1.81 -3.43
N LEU A 116 -24.26 -2.88 -2.92
CA LEU A 116 -23.14 -2.59 -2.01
C LEU A 116 -21.94 -2.01 -2.77
N LYS A 117 -21.76 -2.36 -4.07
CA LYS A 117 -20.79 -1.64 -4.89
C LYS A 117 -21.13 -0.16 -5.07
N LYS A 118 -22.41 0.16 -5.37
CA LYS A 118 -22.78 1.55 -5.59
C LYS A 118 -22.61 2.35 -4.29
N PHE A 119 -22.81 1.70 -3.13
CA PHE A 119 -22.74 2.41 -1.85
C PHE A 119 -21.30 2.37 -1.29
N SER A 120 -20.35 1.72 -1.99
CA SER A 120 -18.99 1.55 -1.48
CA SER A 120 -18.99 1.57 -1.48
C SER A 120 -19.01 1.01 -0.05
N TYR A 121 -19.77 -0.09 0.16
CA TYR A 121 -20.05 -0.57 1.50
C TYR A 121 -19.04 -1.63 1.94
N GLY A 122 -18.00 -1.19 2.66
CA GLY A 122 -17.01 -2.12 3.19
C GLY A 122 -16.29 -2.94 2.11
N ASN A 123 -16.02 -4.18 2.43
CA ASN A 123 -15.32 -5.08 1.52
C ASN A 123 -16.29 -5.63 0.48
N GLN A 124 -17.60 -5.28 0.55
CA GLN A 124 -18.60 -5.65 -0.47
C GLN A 124 -18.65 -7.16 -0.67
N ASN A 125 -18.34 -7.91 0.39
CA ASN A 125 -18.32 -9.36 0.30
C ASN A 125 -19.61 -9.95 0.86
N ILE A 126 -20.51 -10.43 -0.01
CA ILE A 126 -21.76 -11.00 0.48
C ILE A 126 -21.76 -12.55 0.55
N SER A 127 -20.57 -13.18 0.53
CA SER A 127 -20.42 -14.59 0.83
C SER A 127 -21.03 -14.96 2.16
N GLY A 128 -21.58 -16.15 2.15
CA GLY A 128 -22.01 -16.83 3.37
C GLY A 128 -23.51 -17.09 3.35
N GLY A 129 -24.17 -16.79 2.23
CA GLY A 129 -25.62 -16.95 2.16
C GLY A 129 -26.34 -15.60 2.19
N ILE A 130 -27.32 -15.46 1.29
CA ILE A 130 -27.98 -14.18 1.03
C ILE A 130 -28.62 -13.65 2.31
N ASP A 131 -29.02 -14.53 3.25
CA ASP A 131 -29.69 -14.08 4.48
C ASP A 131 -28.78 -14.20 5.70
N LYS A 132 -27.46 -14.37 5.49
CA LYS A 132 -26.53 -14.54 6.61
C LYS A 132 -25.24 -13.72 6.49
N PHE A 133 -24.98 -13.06 5.36
CA PHE A 133 -23.63 -12.55 5.07
C PHE A 133 -23.20 -11.44 6.03
N TRP A 134 -24.15 -10.66 6.56
CA TRP A 134 -23.81 -9.59 7.48
C TRP A 134 -23.85 -10.05 8.93
N LEU A 135 -24.23 -11.31 9.18
CA LEU A 135 -24.41 -11.86 10.51
C LEU A 135 -23.27 -12.84 10.84
N GLU A 136 -22.93 -13.70 9.87
CA GLU A 136 -21.86 -14.66 10.17
C GLU A 136 -21.07 -15.01 8.91
N GLY A 137 -21.34 -14.29 7.81
CA GLY A 137 -20.61 -14.35 6.56
C GLY A 137 -19.37 -13.44 6.56
N GLN A 138 -18.96 -13.01 5.35
CA GLN A 138 -17.67 -12.41 5.10
CA GLN A 138 -17.65 -12.42 5.16
C GLN A 138 -17.71 -10.90 4.97
N LEU A 139 -18.93 -10.31 5.09
CA LEU A 139 -18.99 -8.85 4.93
C LEU A 139 -18.32 -8.16 6.12
N ARG A 140 -17.55 -7.14 5.80
CA ARG A 140 -16.82 -6.39 6.82
C ARG A 140 -16.78 -4.93 6.40
N ILE A 141 -16.87 -4.02 7.39
CA ILE A 141 -16.81 -2.60 7.12
C ILE A 141 -16.14 -1.91 8.32
N SER A 142 -15.39 -0.85 8.02
CA SER A 142 -14.68 -0.08 9.06
C SER A 142 -15.57 1.05 9.60
N ALA A 143 -15.14 1.58 10.76
CA ALA A 143 -15.81 2.75 11.32
C ALA A 143 -15.69 3.97 10.40
N VAL A 144 -14.54 4.17 9.71
CA VAL A 144 -14.41 5.26 8.78
C VAL A 144 -15.40 5.11 7.63
N ASN A 145 -15.52 3.90 7.10
CA ASN A 145 -16.46 3.65 6.00
C ASN A 145 -17.93 3.86 6.40
N GLN A 146 -18.26 3.48 7.66
CA GLN A 146 -19.59 3.74 8.20
C GLN A 146 -19.86 5.23 8.13
N VAL A 147 -18.92 6.09 8.57
N VAL A 147 -18.91 6.05 8.61
CA VAL A 147 -19.20 7.52 8.62
CA VAL A 147 -19.17 7.47 8.63
C VAL A 147 -19.25 8.11 7.21
C VAL A 147 -19.35 7.98 7.20
N GLU A 148 -18.53 7.50 6.25
CA GLU A 148 -18.62 7.97 4.86
C GLU A 148 -20.01 7.63 4.31
N PHE A 149 -20.48 6.41 4.60
CA PHE A 149 -21.77 5.96 4.12
C PHE A 149 -22.89 6.79 4.74
N LEU A 150 -22.80 7.03 6.06
CA LEU A 150 -23.87 7.82 6.68
C LEU A 150 -23.87 9.29 6.23
N GLU A 151 -22.68 9.89 6.00
CA GLU A 151 -22.63 11.24 5.44
C GLU A 151 -23.35 11.26 4.09
N SER A 152 -23.09 10.24 3.25
CA SER A 152 -23.82 10.20 1.98
C SER A 152 -25.35 10.18 2.20
N LEU A 153 -25.80 9.27 3.10
CA LEU A 153 -27.22 9.16 3.40
C LEU A 153 -27.78 10.51 3.86
N TYR A 154 -27.06 11.21 4.79
CA TYR A 154 -27.53 12.49 5.29
C TYR A 154 -27.74 13.48 4.14
N LEU A 155 -26.81 13.47 3.20
CA LEU A 155 -26.82 14.43 2.11
C LEU A 155 -27.72 13.99 0.97
N ASN A 156 -28.38 12.83 1.09
CA ASN A 156 -29.13 12.21 -0.03
C ASN A 156 -28.24 11.92 -1.23
N LYS A 157 -26.96 11.66 -1.00
CA LYS A 157 -26.01 11.47 -2.08
CA LYS A 157 -25.95 11.48 -2.03
C LYS A 157 -25.74 10.00 -2.35
N LEU A 158 -26.42 9.08 -1.63
CA LEU A 158 -26.30 7.68 -2.05
C LEU A 158 -26.97 7.54 -3.42
N SER A 159 -26.63 6.44 -4.12
CA SER A 159 -27.28 6.05 -5.37
C SER A 159 -28.62 5.39 -5.12
N ALA A 160 -29.58 6.22 -4.69
CA ALA A 160 -30.93 5.85 -4.33
C ALA A 160 -31.74 7.15 -4.43
N SER A 161 -33.07 7.01 -4.53
CA SER A 161 -33.91 8.20 -4.60
C SER A 161 -33.78 9.01 -3.32
N LYS A 162 -34.09 10.31 -3.42
CA LYS A 162 -34.09 11.14 -2.24
C LYS A 162 -35.22 10.67 -1.33
N GLU A 163 -36.36 10.27 -1.92
CA GLU A 163 -37.48 9.82 -1.13
C GLU A 163 -37.09 8.62 -0.25
N ASN A 164 -36.42 7.63 -0.86
CA ASN A 164 -36.13 6.42 -0.10
C ASN A 164 -35.08 6.72 0.98
N GLN A 165 -34.14 7.64 0.69
CA GLN A 165 -33.17 8.04 1.71
C GLN A 165 -33.87 8.74 2.86
N LEU A 166 -34.85 9.59 2.51
CA LEU A 166 -35.63 10.29 3.54
C LEU A 166 -36.44 9.31 4.40
N ILE A 167 -37.02 8.25 3.76
CA ILE A 167 -37.77 7.30 4.56
C ILE A 167 -36.86 6.64 5.59
N VAL A 168 -35.64 6.27 5.13
CA VAL A 168 -34.79 5.53 6.06
C VAL A 168 -34.25 6.48 7.14
N LYS A 169 -34.04 7.75 6.77
CA LYS A 169 -33.57 8.71 7.76
CA LYS A 169 -33.57 8.74 7.75
C LYS A 169 -34.58 8.84 8.90
N GLU A 170 -35.89 8.99 8.59
CA GLU A 170 -36.82 9.15 9.71
C GLU A 170 -36.88 7.89 10.56
N ALA A 171 -36.69 6.72 9.91
CA ALA A 171 -36.71 5.45 10.62
C ALA A 171 -35.55 5.35 11.60
N LEU A 172 -34.48 6.13 11.41
CA LEU A 172 -33.30 6.04 12.26
C LEU A 172 -33.30 7.09 13.37
N VAL A 173 -34.31 8.00 13.44
CA VAL A 173 -34.26 8.97 14.56
C VAL A 173 -34.39 8.21 15.88
N THR A 174 -33.50 8.55 16.85
CA THR A 174 -33.52 7.88 18.14
C THR A 174 -33.61 8.86 19.29
N GLU A 175 -33.32 10.13 19.03
CA GLU A 175 -33.45 11.12 20.08
C GLU A 175 -33.85 12.42 19.42
N ALA A 176 -34.92 13.07 19.93
CA ALA A 176 -35.39 14.29 19.32
C ALA A 176 -35.56 15.33 20.43
N ALA A 177 -34.81 16.40 20.35
CA ALA A 177 -35.02 17.47 21.31
C ALA A 177 -35.19 18.75 20.50
N PRO A 178 -35.65 19.87 21.08
CA PRO A 178 -35.68 21.07 20.30
C PRO A 178 -34.22 21.50 20.07
N GLU A 179 -33.26 21.09 20.94
CA GLU A 179 -31.86 21.50 20.75
C GLU A 179 -31.09 20.67 19.69
N TYR A 180 -31.34 19.34 19.66
CA TYR A 180 -30.55 18.51 18.77
C TYR A 180 -31.39 17.31 18.35
N LEU A 181 -30.88 16.58 17.34
CA LEU A 181 -31.61 15.45 16.79
C LEU A 181 -30.54 14.37 16.56
N VAL A 182 -30.84 13.15 17.00
CA VAL A 182 -29.87 12.08 16.77
C VAL A 182 -30.51 11.03 15.88
N HIS A 183 -29.74 10.57 14.87
CA HIS A 183 -30.09 9.39 14.08
C HIS A 183 -29.07 8.31 14.40
N SER A 184 -29.49 7.08 14.71
CA SER A 184 -28.41 6.16 15.08
C SER A 184 -28.88 4.72 14.95
N LYS A 185 -27.92 3.78 15.03
CA LYS A 185 -28.23 2.36 14.96
C LYS A 185 -27.16 1.57 15.70
N THR A 186 -27.58 0.64 16.55
CA THR A 186 -26.64 -0.23 17.23
C THR A 186 -26.41 -1.52 16.44
N GLY A 187 -25.35 -2.25 16.85
CA GLY A 187 -25.20 -3.62 16.39
C GLY A 187 -24.52 -4.44 17.48
N TRP A 188 -24.74 -5.74 17.45
CA TRP A 188 -23.99 -6.70 18.27
C TRP A 188 -23.82 -7.93 17.41
N GLY A 189 -22.59 -8.17 16.97
CA GLY A 189 -22.31 -9.33 16.11
C GLY A 189 -21.74 -10.47 16.96
N MET A 190 -22.58 -11.47 17.25
CA MET A 190 -22.18 -12.62 18.05
C MET A 190 -21.65 -13.73 17.15
N GLY A 191 -21.85 -13.56 15.84
CA GLY A 191 -21.44 -14.58 14.87
C GLY A 191 -19.97 -14.49 14.45
N VAL A 192 -19.18 -13.64 15.13
CA VAL A 192 -17.74 -13.51 14.92
C VAL A 192 -17.04 -13.54 16.28
N THR A 193 -15.71 -13.75 16.26
CA THR A 193 -14.85 -13.74 17.43
C THR A 193 -13.65 -12.84 17.15
N PRO A 194 -13.38 -11.82 17.98
CA PRO A 194 -14.25 -11.48 19.11
C PRO A 194 -15.60 -10.93 18.60
N GLN A 195 -16.59 -10.98 19.48
CA GLN A 195 -17.89 -10.39 19.17
C GLN A 195 -17.70 -8.90 19.01
N VAL A 196 -18.54 -8.27 18.16
CA VAL A 196 -18.32 -6.86 17.92
C VAL A 196 -19.56 -6.07 18.36
N GLY A 197 -19.34 -4.88 18.92
CA GLY A 197 -20.48 -4.04 19.22
C GLY A 197 -20.36 -2.75 18.45
N TRP A 198 -21.50 -2.23 17.93
CA TRP A 198 -21.47 -1.01 17.16
C TRP A 198 -22.50 0.00 17.70
N TRP A 199 -22.20 1.28 17.51
CA TRP A 199 -23.22 2.33 17.51
C TRP A 199 -22.76 3.31 16.45
N VAL A 200 -23.61 3.57 15.44
CA VAL A 200 -23.24 4.50 14.37
C VAL A 200 -24.38 5.50 14.16
N GLY A 201 -24.04 6.65 13.61
CA GLY A 201 -25.10 7.61 13.35
C GLY A 201 -24.59 9.03 13.17
N TRP A 202 -25.52 9.97 13.37
CA TRP A 202 -25.12 11.35 13.26
C TRP A 202 -25.99 12.20 14.16
N VAL A 203 -25.44 13.39 14.47
CA VAL A 203 -26.10 14.34 15.38
C VAL A 203 -26.21 15.68 14.70
N GLU A 204 -27.41 16.28 14.74
CA GLU A 204 -27.58 17.61 14.17
C GLU A 204 -27.82 18.51 15.37
N LYS A 205 -27.01 19.56 15.55
CA LYS A 205 -27.21 20.45 16.69
C LYS A 205 -26.95 21.86 16.17
N GLU A 206 -27.85 22.80 16.50
CA GLU A 206 -27.76 24.17 15.97
C GLU A 206 -27.69 24.08 14.46
N THR A 207 -26.68 24.63 13.84
CA THR A 207 -26.66 24.47 12.38
C THR A 207 -25.49 23.59 11.94
N GLU A 208 -25.04 22.69 12.83
CA GLU A 208 -23.91 21.85 12.52
C GLU A 208 -24.35 20.39 12.47
N VAL A 209 -23.47 19.53 11.92
CA VAL A 209 -23.78 18.09 11.86
C VAL A 209 -22.51 17.34 12.14
N TYR A 210 -22.61 16.29 12.93
CA TYR A 210 -21.47 15.45 13.28
CA TYR A 210 -21.46 15.45 13.22
C TYR A 210 -21.82 14.01 12.93
N PHE A 211 -20.91 13.31 12.23
CA PHE A 211 -21.17 11.90 11.92
C PHE A 211 -20.27 11.07 12.82
N PHE A 212 -20.75 9.94 13.30
CA PHE A 212 -19.93 9.13 14.20
C PHE A 212 -20.09 7.65 13.89
N ALA A 213 -19.04 6.88 14.28
CA ALA A 213 -19.13 5.43 14.30
C ALA A 213 -18.25 4.95 15.43
N PHE A 214 -18.82 4.05 16.23
CA PHE A 214 -18.09 3.42 17.33
C PHE A 214 -18.17 1.91 17.18
N ASN A 215 -17.03 1.22 17.38
CA ASN A 215 -17.18 -0.19 17.60
C ASN A 215 -16.22 -0.67 18.70
N MET A 216 -16.53 -1.84 19.24
CA MET A 216 -15.70 -2.37 20.32
C MET A 216 -15.79 -3.88 20.33
N ASP A 217 -14.78 -4.56 20.93
CA ASP A 217 -14.97 -5.97 21.18
C ASP A 217 -15.89 -6.14 22.39
N ILE A 218 -16.85 -7.05 22.30
CA ILE A 218 -17.75 -7.32 23.40
C ILE A 218 -17.21 -8.53 24.18
N ASP A 219 -16.60 -8.26 25.35
CA ASP A 219 -15.95 -9.34 26.10
C ASP A 219 -17.00 -10.22 26.77
N ASN A 220 -18.12 -9.60 27.17
CA ASN A 220 -19.27 -10.33 27.66
C ASN A 220 -20.52 -9.44 27.56
N GLU A 221 -21.68 -10.04 27.78
CA GLU A 221 -22.93 -9.46 27.35
C GLU A 221 -23.28 -8.26 28.22
N SER A 222 -22.68 -8.24 29.42
CA SER A 222 -23.10 -7.21 30.36
C SER A 222 -22.41 -5.88 30.00
N LYS A 223 -21.41 -5.92 29.08
CA LYS A 223 -20.65 -4.79 28.59
C LYS A 223 -21.36 -4.07 27.42
N LEU A 224 -22.45 -4.66 26.97
CA LEU A 224 -23.15 -4.13 25.80
C LEU A 224 -23.50 -2.63 25.92
N PRO A 225 -23.99 -2.12 27.07
CA PRO A 225 -24.34 -0.70 27.15
C PRO A 225 -23.19 0.26 26.82
N LEU A 226 -21.94 -0.20 26.91
CA LEU A 226 -20.82 0.71 26.69
C LEU A 226 -20.78 1.14 25.22
N ARG A 227 -21.45 0.36 24.35
N ARG A 227 -21.43 0.37 24.33
CA ARG A 227 -21.37 0.69 22.92
CA ARG A 227 -21.42 0.74 22.91
C ARG A 227 -22.09 2.03 22.65
C ARG A 227 -21.99 2.13 22.74
N LYS A 228 -23.00 2.45 23.55
CA LYS A 228 -23.60 3.78 23.44
C LYS A 228 -22.99 4.72 24.47
N SER A 229 -22.68 4.23 25.67
CA SER A 229 -22.28 5.19 26.68
C SER A 229 -20.89 5.79 26.47
N ILE A 230 -19.91 5.02 25.98
CA ILE A 230 -18.60 5.60 25.75
C ILE A 230 -18.71 6.68 24.67
N PRO A 231 -19.24 6.40 23.46
CA PRO A 231 -19.34 7.49 22.49
C PRO A 231 -20.25 8.64 22.95
N THR A 232 -21.27 8.34 23.75
CA THR A 232 -22.15 9.41 24.23
C THR A 232 -21.34 10.35 25.14
N LYS A 233 -20.53 9.76 26.01
CA LYS A 233 -19.74 10.59 26.94
C LYS A 233 -18.78 11.46 26.16
N ILE A 234 -18.17 10.90 25.10
CA ILE A 234 -17.23 11.66 24.29
C ILE A 234 -17.95 12.83 23.63
N MET A 235 -19.10 12.53 23.00
CA MET A 235 -19.80 13.57 22.30
C MET A 235 -20.35 14.63 23.27
N GLU A 236 -20.78 14.20 24.46
CA GLU A 236 -21.25 15.17 25.46
C GLU A 236 -20.10 16.10 25.84
N SER A 237 -18.89 15.55 26.03
CA SER A 237 -17.73 16.35 26.40
CA SER A 237 -17.75 16.37 26.41
C SER A 237 -17.39 17.39 25.34
N GLU A 238 -17.66 17.06 24.07
CA GLU A 238 -17.36 18.01 22.98
C GLU A 238 -18.47 19.03 22.75
N GLY A 239 -19.62 18.85 23.41
CA GLY A 239 -20.77 19.72 23.26
C GLY A 239 -21.76 19.30 22.17
N ILE A 240 -21.55 18.10 21.60
CA ILE A 240 -22.30 17.72 20.41
C ILE A 240 -23.68 17.20 20.79
N ILE A 241 -23.73 16.43 21.87
CA ILE A 241 -24.99 15.96 22.44
C ILE A 241 -25.17 16.72 23.74
N GLY A 242 -26.40 17.20 23.98
CA GLY A 242 -26.64 18.07 25.11
C GLY A 242 -27.21 19.39 24.62
N GLY A 243 -28.12 19.98 25.38
CA GLY A 243 -28.85 21.20 25.01
C GLY A 243 -28.06 22.49 25.17
N SER B 1 13.84 5.09 -10.21
CA SER B 1 12.65 4.93 -11.09
C SER B 1 12.73 3.64 -11.90
N ILE B 2 11.55 3.05 -12.16
CA ILE B 2 11.47 1.91 -13.05
C ILE B 2 10.40 2.13 -14.13
N THR B 3 10.76 1.85 -15.38
CA THR B 3 9.87 2.07 -16.52
CA THR B 3 9.87 2.06 -16.51
C THR B 3 9.59 0.74 -17.19
N GLU B 4 8.36 0.57 -17.69
CA GLU B 4 8.00 -0.60 -18.46
C GLU B 4 8.39 -0.38 -19.91
N ASN B 5 9.31 -1.24 -20.36
N ASN B 5 9.27 -1.23 -20.40
CA ASN B 5 9.83 -1.36 -21.72
CA ASN B 5 9.83 -1.09 -21.73
C ASN B 5 9.00 -2.40 -22.44
C ASN B 5 9.16 -2.19 -22.53
N THR B 6 7.96 -1.87 -23.03
CA THR B 6 7.12 -2.71 -23.85
C THR B 6 7.97 -3.21 -25.03
N SER B 7 9.06 -2.49 -25.36
CA SER B 7 9.84 -2.95 -26.50
C SER B 7 10.44 -4.37 -26.36
N TRP B 8 10.19 -5.15 -25.26
CA TRP B 8 10.89 -6.41 -24.95
C TRP B 8 10.08 -7.73 -24.96
N ASN B 9 8.73 -7.72 -24.88
CA ASN B 9 8.05 -8.99 -24.66
C ASN B 9 8.12 -9.88 -25.90
N LYS B 10 8.42 -9.21 -27.02
CA LYS B 10 8.68 -9.83 -28.31
C LYS B 10 9.75 -10.91 -28.15
N GLU B 11 10.77 -10.69 -27.31
CA GLU B 11 11.73 -11.75 -27.06
C GLU B 11 11.15 -12.90 -26.22
N PHE B 12 10.06 -12.66 -25.46
CA PHE B 12 9.49 -13.74 -24.66
C PHE B 12 8.45 -14.61 -25.42
N SER B 13 7.76 -14.03 -26.40
CA SER B 13 6.59 -14.70 -26.96
C SER B 13 6.94 -15.87 -27.89
N ALA B 14 8.09 -15.83 -28.58
CA ALA B 14 8.48 -16.91 -29.49
C ALA B 14 8.55 -18.25 -28.76
N GLU B 15 9.04 -18.21 -27.51
CA GLU B 15 9.22 -19.43 -26.74
CA GLU B 15 9.21 -19.44 -26.76
C GLU B 15 8.10 -19.58 -25.72
N ALA B 16 7.08 -18.72 -25.85
CA ALA B 16 5.99 -18.62 -24.89
C ALA B 16 6.56 -18.51 -23.49
N VAL B 17 7.44 -17.51 -23.26
CA VAL B 17 8.00 -17.46 -21.92
C VAL B 17 7.23 -16.47 -21.05
N ASN B 18 6.91 -16.94 -19.84
CA ASN B 18 6.39 -16.07 -18.80
CA ASN B 18 6.41 -16.06 -18.81
C ASN B 18 7.59 -15.68 -17.92
N GLY B 19 7.99 -14.43 -18.01
CA GLY B 19 9.16 -14.03 -17.22
C GLY B 19 9.34 -12.53 -17.19
N VAL B 20 10.46 -12.09 -16.57
CA VAL B 20 10.71 -10.71 -16.39
C VAL B 20 12.21 -10.48 -16.56
N PHE B 21 12.52 -9.37 -17.19
CA PHE B 21 13.88 -8.85 -17.22
C PHE B 21 13.88 -7.45 -16.63
N VAL B 22 14.88 -7.19 -15.74
CA VAL B 22 15.10 -5.89 -15.18
C VAL B 22 16.55 -5.51 -15.51
N LEU B 23 16.72 -4.31 -16.05
CA LEU B 23 18.02 -3.88 -16.53
C LEU B 23 18.19 -2.42 -16.12
N CYS B 24 19.31 -2.14 -15.45
CA CYS B 24 19.56 -0.82 -14.89
C CYS B 24 20.93 -0.29 -15.30
N LYS B 25 21.00 0.95 -15.80
CA LYS B 25 22.29 1.52 -16.09
C LYS B 25 22.74 2.33 -14.89
N SER B 26 24.00 2.11 -14.44
CA SER B 26 24.67 2.99 -13.50
CA SER B 26 24.72 2.93 -13.49
C SER B 26 24.24 2.68 -12.07
N SER B 27 22.92 2.62 -11.87
CA SER B 27 22.33 2.41 -10.55
C SER B 27 20.93 1.84 -10.67
N SER B 28 20.38 1.42 -9.52
CA SER B 28 19.05 0.87 -9.50
C SER B 28 17.99 1.98 -9.55
N LYS B 29 18.42 3.23 -9.74
CA LYS B 29 17.54 4.38 -9.94
C LYS B 29 17.15 4.55 -11.41
N SER B 30 17.83 3.85 -12.33
CA SER B 30 17.55 3.99 -13.75
C SER B 30 17.29 2.63 -14.36
N CYS B 31 16.11 2.04 -14.03
CA CYS B 31 15.83 0.68 -14.44
C CYS B 31 14.71 0.61 -15.46
N ALA B 32 14.72 -0.46 -16.23
CA ALA B 32 13.62 -0.76 -17.14
C ALA B 32 13.27 -2.22 -17.06
N THR B 33 12.00 -2.55 -17.41
CA THR B 33 11.55 -3.91 -17.33
C THR B 33 10.48 -4.12 -18.38
N ASN B 34 10.29 -5.37 -18.79
CA ASN B 34 9.18 -5.74 -19.67
C ASN B 34 7.87 -5.83 -18.88
N ASP B 35 7.93 -5.99 -17.53
CA ASP B 35 6.71 -6.28 -16.76
C ASP B 35 6.82 -5.72 -15.34
N LEU B 36 6.24 -4.53 -15.08
CA LEU B 36 6.31 -3.86 -13.77
C LEU B 36 5.84 -4.75 -12.61
N ALA B 37 4.74 -5.49 -12.81
CA ALA B 37 4.17 -6.35 -11.77
C ALA B 37 5.18 -7.47 -11.45
N ARG B 38 5.67 -8.17 -12.49
CA ARG B 38 6.49 -9.34 -12.21
C ARG B 38 7.87 -8.89 -11.71
N ALA B 39 8.30 -7.70 -12.11
CA ALA B 39 9.61 -7.24 -11.66
C ALA B 39 9.71 -7.19 -10.14
N SER B 40 8.59 -6.88 -9.47
CA SER B 40 8.60 -6.69 -8.02
CA SER B 40 8.64 -6.70 -8.02
C SER B 40 8.08 -7.95 -7.33
N LYS B 41 7.66 -8.95 -8.10
CA LYS B 41 7.20 -10.19 -7.49
C LYS B 41 8.36 -11.04 -6.97
N GLU B 42 8.18 -11.65 -5.78
CA GLU B 42 9.30 -12.37 -5.16
C GLU B 42 9.23 -13.86 -5.47
N TYR B 43 10.38 -14.46 -5.85
CA TYR B 43 10.46 -15.87 -6.19
C TYR B 43 11.59 -16.54 -5.41
N LEU B 44 11.54 -17.87 -5.29
CA LEU B 44 12.58 -18.62 -4.57
C LEU B 44 13.90 -18.36 -5.26
N PRO B 45 14.98 -17.96 -4.53
CA PRO B 45 16.26 -17.61 -5.19
C PRO B 45 17.03 -18.78 -5.76
N ALA B 46 16.79 -19.99 -5.23
CA ALA B 46 17.55 -21.19 -5.61
C ALA B 46 19.05 -20.85 -5.65
N SER B 47 19.76 -21.28 -6.71
CA SER B 47 21.21 -21.19 -6.66
C SER B 47 21.73 -19.74 -6.67
N THR B 48 20.89 -18.75 -6.99
CA THR B 48 21.34 -17.37 -6.87
C THR B 48 21.68 -17.01 -5.42
N PHE B 49 21.15 -17.79 -4.47
CA PHE B 49 21.43 -17.49 -3.05
C PHE B 49 22.91 -17.83 -2.74
N ILE B 51 25.32 -16.37 -3.88
CA ILE B 51 26.02 -15.09 -3.79
C ILE B 51 26.01 -14.56 -2.34
N PRO B 52 24.85 -14.33 -1.70
CA PRO B 52 24.88 -13.86 -0.31
C PRO B 52 25.45 -14.95 0.61
N ASN B 53 25.21 -16.23 0.34
CA ASN B 53 25.71 -17.28 1.24
C ASN B 53 27.24 -17.25 1.22
N ALA B 54 27.87 -17.08 0.03
CA ALA B 54 29.32 -17.04 -0.01
C ALA B 54 29.85 -15.84 0.79
N ILE B 55 29.22 -14.67 0.65
CA ILE B 55 29.62 -13.47 1.39
C ILE B 55 29.50 -13.69 2.91
N ILE B 56 28.35 -14.21 3.33
CA ILE B 56 28.07 -14.48 4.74
C ILE B 56 29.08 -15.51 5.25
N GLY B 57 29.36 -16.57 4.49
CA GLY B 57 30.33 -17.59 4.89
C GLY B 57 31.71 -16.95 5.12
N LEU B 58 32.14 -16.04 4.24
CA LEU B 58 33.42 -15.36 4.47
C LEU B 58 33.35 -14.41 5.66
N GLU B 59 32.28 -13.63 5.82
CA GLU B 59 32.20 -12.60 6.86
C GLU B 59 32.23 -13.27 8.24
N THR B 60 31.61 -14.45 8.34
CA THR B 60 31.59 -15.17 9.61
C THR B 60 32.86 -15.96 9.82
N GLY B 61 33.69 -16.17 8.80
CA GLY B 61 34.85 -17.04 8.97
C GLY B 61 34.55 -18.52 8.74
N VAL B 62 33.28 -18.84 8.38
CA VAL B 62 33.00 -20.21 8.01
C VAL B 62 33.81 -20.62 6.79
N ILE B 63 33.90 -19.69 5.83
CA ILE B 63 34.81 -19.86 4.70
C ILE B 63 36.09 -19.07 5.03
N LYS B 64 37.24 -19.74 4.90
CA LYS B 64 38.53 -19.14 5.29
C LYS B 64 38.98 -18.01 4.37
N ASN B 65 39.08 -18.28 3.06
CA ASN B 65 39.53 -17.28 2.09
C ASN B 65 39.19 -17.85 0.72
N GLU B 66 39.55 -17.12 -0.37
CA GLU B 66 39.20 -17.60 -1.68
C GLU B 66 40.04 -18.79 -2.03
N HIS B 67 41.06 -19.13 -1.19
CA HIS B 67 41.87 -20.30 -1.58
C HIS B 67 41.41 -21.62 -0.95
N GLN B 68 40.34 -21.58 -0.15
CA GLN B 68 39.89 -22.80 0.53
C GLN B 68 39.38 -23.78 -0.50
N VAL B 69 39.74 -25.06 -0.32
CA VAL B 69 39.25 -26.13 -1.17
C VAL B 69 38.22 -26.91 -0.36
N PHE B 70 37.05 -27.10 -0.98
CA PHE B 70 35.97 -27.89 -0.41
C PHE B 70 36.16 -29.28 -0.97
N LYS B 71 36.62 -30.21 -0.09
CA LYS B 71 36.96 -31.54 -0.56
C LYS B 71 35.72 -32.42 -0.69
N TRP B 72 35.72 -33.30 -1.69
CA TRP B 72 34.62 -34.24 -1.81
C TRP B 72 35.05 -35.51 -1.09
N ASP B 73 34.18 -35.94 -0.17
CA ASP B 73 34.39 -37.10 0.70
C ASP B 73 34.08 -38.42 -0.01
N GLY B 74 33.68 -38.38 -1.28
CA GLY B 74 33.51 -39.59 -2.06
C GLY B 74 32.09 -40.15 -2.00
N LYS B 75 31.21 -39.52 -1.23
CA LYS B 75 29.83 -39.98 -1.17
C LYS B 75 29.06 -39.42 -2.36
N PRO B 76 28.11 -40.17 -2.97
CA PRO B 76 27.46 -39.74 -4.20
C PRO B 76 26.71 -38.45 -3.98
N ARG B 77 26.79 -37.56 -4.95
CA ARG B 77 26.09 -36.30 -4.90
C ARG B 77 25.13 -36.30 -6.08
N ALA B 78 24.13 -35.41 -6.04
CA ALA B 78 23.07 -35.38 -7.02
C ALA B 78 23.58 -35.22 -8.45
N MET B 79 24.66 -34.42 -8.66
CA MET B 79 25.18 -34.16 -10.00
CA MET B 79 25.17 -34.21 -10.00
C MET B 79 26.64 -34.62 -10.06
N LYS B 80 27.03 -35.26 -11.18
CA LYS B 80 28.42 -35.67 -11.42
C LYS B 80 29.39 -34.49 -11.25
N GLN B 81 28.98 -33.29 -11.71
CA GLN B 81 29.76 -32.07 -11.68
C GLN B 81 30.18 -31.71 -10.23
N TRP B 82 29.45 -32.21 -9.22
CA TRP B 82 29.77 -31.86 -7.83
C TRP B 82 30.67 -32.89 -7.16
N GLU B 83 31.00 -34.00 -7.85
CA GLU B 83 31.72 -35.09 -7.22
C GLU B 83 33.21 -34.92 -7.43
N ARG B 84 33.76 -33.83 -6.88
CA ARG B 84 35.18 -33.54 -6.99
C ARG B 84 35.48 -32.40 -6.01
N ASP B 85 36.77 -32.16 -5.72
CA ASP B 85 37.15 -31.07 -4.84
C ASP B 85 36.90 -29.79 -5.63
N LEU B 86 36.50 -28.71 -4.93
CA LEU B 86 36.08 -27.50 -5.63
C LEU B 86 36.69 -26.33 -4.88
N THR B 87 37.14 -25.31 -5.64
CA THR B 87 37.44 -24.04 -5.03
C THR B 87 36.15 -23.29 -4.73
N LEU B 88 36.26 -22.12 -4.08
CA LEU B 88 35.06 -21.37 -3.79
C LEU B 88 34.42 -20.95 -5.13
N ARG B 89 35.26 -20.45 -6.05
CA ARG B 89 34.71 -20.09 -7.34
C ARG B 89 34.10 -21.29 -8.06
N GLY B 90 34.78 -22.45 -8.06
CA GLY B 90 34.23 -23.64 -8.69
C GLY B 90 32.86 -24.02 -8.09
N ALA B 91 32.79 -23.98 -6.74
CA ALA B 91 31.54 -24.36 -6.06
C ALA B 91 30.39 -23.46 -6.48
N ILE B 92 30.68 -22.15 -6.61
CA ILE B 92 29.64 -21.23 -7.04
C ILE B 92 29.29 -21.52 -8.49
N GLN B 93 30.29 -21.61 -9.37
CA GLN B 93 30.01 -21.65 -10.81
C GLN B 93 29.36 -22.98 -11.24
N VAL B 94 29.56 -24.07 -10.50
CA VAL B 94 28.90 -25.34 -10.84
C VAL B 94 27.67 -25.55 -9.96
N SER B 95 27.39 -24.54 -9.15
CA SER B 95 26.24 -24.52 -8.22
C SER B 95 26.24 -25.74 -7.31
N ALA B 96 27.35 -25.97 -6.59
CA ALA B 96 27.46 -27.19 -5.79
C ALA B 96 26.70 -27.06 -4.46
N VAL B 97 25.40 -27.33 -4.48
CA VAL B 97 24.54 -27.11 -3.32
C VAL B 97 25.05 -27.82 -2.06
N PRO B 98 25.64 -29.06 -2.06
CA PRO B 98 26.08 -29.70 -0.81
C PRO B 98 27.17 -28.90 -0.11
N VAL B 99 28.00 -28.17 -0.89
CA VAL B 99 29.02 -27.33 -0.27
C VAL B 99 28.33 -26.18 0.48
N PHE B 100 27.32 -25.56 -0.18
CA PHE B 100 26.67 -24.39 0.39
C PHE B 100 25.70 -24.79 1.51
N GLN B 101 25.20 -26.02 1.47
CA GLN B 101 24.37 -26.51 2.59
C GLN B 101 25.22 -26.64 3.85
N GLN B 102 26.44 -27.16 3.70
CA GLN B 102 27.34 -27.26 4.85
C GLN B 102 27.71 -25.86 5.33
N ILE B 103 28.00 -24.94 4.40
CA ILE B 103 28.29 -23.57 4.83
C ILE B 103 27.11 -22.97 5.62
N ALA B 104 25.88 -23.16 5.15
CA ALA B 104 24.70 -22.58 5.79
C ALA B 104 24.52 -23.16 7.21
N ARG B 105 24.74 -24.46 7.34
CA ARG B 105 24.65 -25.08 8.66
C ARG B 105 25.69 -24.49 9.63
N GLU B 106 26.91 -24.22 9.16
CA GLU B 106 27.93 -23.67 10.05
C GLU B 106 27.66 -22.20 10.34
N VAL B 107 27.08 -21.42 9.39
CA VAL B 107 26.68 -20.06 9.66
C VAL B 107 25.63 -20.06 10.78
N GLY B 108 24.62 -20.90 10.59
CA GLY B 108 23.54 -21.00 11.58
C GLY B 108 22.42 -19.99 11.35
N GLU B 109 21.27 -20.29 11.98
CA GLU B 109 20.06 -19.50 11.82
CA GLU B 109 20.06 -19.50 11.82
C GLU B 109 20.24 -18.06 12.30
N VAL B 110 20.78 -17.85 13.53
CA VAL B 110 20.78 -16.49 14.05
C VAL B 110 21.64 -15.56 13.19
N ARG B 111 22.80 -16.07 12.76
CA ARG B 111 23.64 -15.21 11.94
C ARG B 111 23.05 -15.09 10.53
N MET B 112 22.53 -16.18 9.98
CA MET B 112 21.97 -16.06 8.64
C MET B 112 20.86 -15.02 8.62
N GLN B 113 19.94 -15.08 9.60
CA GLN B 113 18.86 -14.11 9.73
C GLN B 113 19.35 -12.67 9.74
N LYS B 114 20.38 -12.42 10.55
CA LYS B 114 20.88 -11.07 10.71
C LYS B 114 21.46 -10.58 9.37
N TYR B 115 22.24 -11.46 8.70
CA TYR B 115 22.89 -10.98 7.48
C TYR B 115 21.85 -10.72 6.39
N LEU B 116 20.80 -11.54 6.32
CA LEU B 116 19.83 -11.21 5.25
C LEU B 116 19.07 -9.93 5.60
N LYS B 117 18.93 -9.57 6.90
CA LYS B 117 18.40 -8.25 7.22
C LYS B 117 19.37 -7.13 6.81
N LYS B 118 20.67 -7.29 7.12
CA LYS B 118 21.64 -6.27 6.74
C LYS B 118 21.71 -6.11 5.21
N PHE B 119 21.50 -7.20 4.45
CA PHE B 119 21.61 -7.13 2.99
C PHE B 119 20.26 -6.74 2.36
N SER B 120 19.20 -6.51 3.16
CA SER B 120 17.85 -6.31 2.65
C SER B 120 17.50 -7.35 1.58
N TYR B 121 17.67 -8.63 1.93
CA TYR B 121 17.61 -9.70 0.94
C TYR B 121 16.20 -10.31 0.87
N GLY B 122 15.36 -9.79 -0.05
CA GLY B 122 14.02 -10.33 -0.26
C GLY B 122 13.14 -10.28 1.00
N ASN B 123 12.34 -11.29 1.20
CA ASN B 123 11.42 -11.30 2.33
C ASN B 123 12.17 -11.66 3.61
N GLN B 124 13.46 -12.02 3.48
CA GLN B 124 14.32 -12.33 4.66
C GLN B 124 13.73 -13.49 5.46
N ASN B 125 13.02 -14.40 4.79
CA ASN B 125 12.36 -15.51 5.46
C ASN B 125 13.19 -16.79 5.33
N ILE B 126 13.84 -17.22 6.43
CA ILE B 126 14.72 -18.39 6.36
C ILE B 126 14.04 -19.64 6.92
N SER B 127 12.68 -19.63 7.03
CA SER B 127 11.93 -20.84 7.32
C SER B 127 12.20 -21.97 6.33
N GLY B 128 12.17 -23.15 6.93
CA GLY B 128 12.14 -24.38 6.15
C GLY B 128 13.41 -25.20 6.38
N GLY B 129 14.23 -24.79 7.36
CA GLY B 129 15.47 -25.51 7.62
C GLY B 129 16.70 -24.76 7.11
N ILE B 130 17.71 -24.69 7.96
CA ILE B 130 18.89 -23.85 7.74
C ILE B 130 19.55 -24.22 6.42
N ASP B 131 19.46 -25.49 5.99
CA ASP B 131 20.11 -25.93 4.76
C ASP B 131 19.13 -26.12 3.59
N LYS B 132 17.91 -25.63 3.72
CA LYS B 132 16.88 -25.81 2.69
C LYS B 132 16.10 -24.55 2.36
N PHE B 133 16.23 -23.44 3.13
CA PHE B 133 15.27 -22.35 3.00
C PHE B 133 15.27 -21.68 1.62
N TRP B 134 16.41 -21.71 0.90
CA TRP B 134 16.47 -21.04 -0.39
C TRP B 134 16.15 -22.01 -1.52
N LEU B 135 15.91 -23.30 -1.19
CA LEU B 135 15.73 -24.36 -2.14
C LEU B 135 14.26 -24.81 -2.16
N GLU B 136 13.67 -24.93 -0.95
CA GLU B 136 12.27 -25.40 -0.90
C GLU B 136 11.55 -24.78 0.29
N GLY B 137 12.24 -23.89 1.01
CA GLY B 137 11.67 -23.08 2.07
C GLY B 137 10.94 -21.84 1.60
N GLN B 138 10.86 -20.84 2.48
CA GLN B 138 9.98 -19.70 2.29
C GLN B 138 10.71 -18.45 1.82
N LEU B 139 12.04 -18.53 1.57
CA LEU B 139 12.74 -17.32 1.12
C LEU B 139 12.29 -16.94 -0.30
N ARG B 140 12.07 -15.66 -0.49
CA ARG B 140 11.69 -15.16 -1.82
C ARG B 140 12.32 -13.80 -2.04
N ILE B 141 12.67 -13.50 -3.31
CA ILE B 141 13.28 -12.23 -3.65
C ILE B 141 12.85 -11.88 -5.09
N SER B 142 12.67 -10.59 -5.33
CA SER B 142 12.22 -10.11 -6.63
C SER B 142 13.47 -9.84 -7.51
N ALA B 143 13.20 -9.71 -8.82
CA ALA B 143 14.25 -9.25 -9.74
C ALA B 143 14.75 -7.85 -9.40
N VAL B 144 13.87 -6.91 -8.97
CA VAL B 144 14.32 -5.59 -8.62
C VAL B 144 15.26 -5.67 -7.41
N ASN B 145 14.92 -6.47 -6.43
CA ASN B 145 15.75 -6.65 -5.24
C ASN B 145 17.11 -7.29 -5.57
N GLN B 146 17.10 -8.24 -6.50
CA GLN B 146 18.38 -8.83 -6.91
C GLN B 146 19.27 -7.72 -7.47
N VAL B 147 18.73 -6.82 -8.32
CA VAL B 147 19.58 -5.80 -8.91
CA VAL B 147 19.60 -5.82 -8.92
C VAL B 147 20.09 -4.86 -7.82
N GLU B 148 19.25 -4.55 -6.81
CA GLU B 148 19.69 -3.62 -5.76
C GLU B 148 20.84 -4.26 -4.98
N PHE B 149 20.67 -5.54 -4.66
CA PHE B 149 21.68 -6.30 -3.95
C PHE B 149 22.98 -6.34 -4.75
N LEU B 150 22.88 -6.68 -6.05
CA LEU B 150 24.12 -6.76 -6.84
C LEU B 150 24.80 -5.39 -7.05
N GLU B 151 24.03 -4.29 -7.24
CA GLU B 151 24.59 -2.96 -7.24
C GLU B 151 25.40 -2.70 -5.96
N SER B 152 24.83 -3.06 -4.80
CA SER B 152 25.58 -2.88 -3.54
C SER B 152 26.89 -3.65 -3.56
N LEU B 153 26.83 -4.94 -3.98
CA LEU B 153 28.04 -5.74 -4.08
C LEU B 153 29.06 -5.10 -5.01
N TYR B 154 28.64 -4.65 -6.21
CA TYR B 154 29.56 -4.02 -7.14
C TYR B 154 30.29 -2.83 -6.49
N LEU B 155 29.56 -2.06 -5.70
CA LEU B 155 30.10 -0.83 -5.12
C LEU B 155 30.82 -1.11 -3.81
N ASN B 156 30.90 -2.37 -3.38
CA ASN B 156 31.41 -2.75 -2.05
C ASN B 156 30.63 -2.08 -0.91
N LYS B 157 29.35 -1.81 -1.14
CA LYS B 157 28.50 -1.10 -0.20
C LYS B 157 27.65 -2.06 0.62
N LEU B 158 27.78 -3.38 0.43
CA LEU B 158 27.12 -4.30 1.37
C LEU B 158 27.80 -4.18 2.72
N SER B 159 27.09 -4.63 3.77
CA SER B 159 27.60 -4.71 5.14
C SER B 159 28.51 -5.92 5.30
N ALA B 160 29.70 -5.81 4.71
CA ALA B 160 30.71 -6.85 4.65
C ALA B 160 31.99 -6.12 4.31
N SER B 161 33.13 -6.75 4.59
CA SER B 161 34.41 -6.15 4.23
C SER B 161 34.50 -5.95 2.71
N LYS B 162 35.31 -4.96 2.30
CA LYS B 162 35.61 -4.80 0.89
C LYS B 162 36.33 -6.05 0.38
N GLU B 163 37.20 -6.60 1.20
CA GLU B 163 37.95 -7.80 0.77
C GLU B 163 37.00 -8.96 0.44
N ASN B 164 36.04 -9.19 1.32
CA ASN B 164 35.16 -10.34 1.11
C ASN B 164 34.22 -10.11 -0.08
N GLN B 165 33.80 -8.87 -0.29
CA GLN B 165 33.05 -8.53 -1.51
C GLN B 165 33.88 -8.74 -2.77
N LEU B 166 35.15 -8.32 -2.73
CA LEU B 166 36.04 -8.55 -3.86
C LEU B 166 36.27 -10.04 -4.15
N ILE B 167 36.40 -10.87 -3.10
CA ILE B 167 36.59 -12.30 -3.34
C ILE B 167 35.37 -12.85 -4.10
N VAL B 168 34.16 -12.46 -3.65
CA VAL B 168 32.97 -13.04 -4.28
C VAL B 168 32.78 -12.50 -5.70
N LYS B 169 33.18 -11.24 -5.91
CA LYS B 169 33.09 -10.66 -7.26
CA LYS B 169 33.11 -10.64 -7.25
C LYS B 169 33.95 -11.46 -8.22
N GLU B 170 35.23 -11.74 -7.87
CA GLU B 170 36.02 -12.51 -8.85
C GLU B 170 35.45 -13.91 -9.09
N ALA B 171 34.84 -14.51 -8.05
CA ALA B 171 34.24 -15.82 -8.18
C ALA B 171 33.02 -15.80 -9.11
N LEU B 172 32.44 -14.62 -9.39
CA LEU B 172 31.25 -14.54 -10.23
C LEU B 172 31.61 -14.19 -11.68
N VAL B 173 32.88 -13.93 -12.02
CA VAL B 173 33.18 -13.58 -13.41
C VAL B 173 32.83 -14.76 -14.31
N THR B 174 32.06 -14.50 -15.38
CA THR B 174 31.66 -15.57 -16.28
C THR B 174 32.07 -15.29 -17.72
N GLU B 175 32.36 -14.02 -18.03
CA GLU B 175 32.79 -13.72 -19.39
C GLU B 175 33.80 -12.59 -19.30
N ALA B 176 34.99 -12.78 -19.90
CA ALA B 176 35.99 -11.72 -19.83
C ALA B 176 36.49 -11.44 -21.25
N ALA B 177 36.28 -10.23 -21.70
CA ALA B 177 36.87 -9.86 -22.97
C ALA B 177 37.63 -8.59 -22.72
N PRO B 178 38.47 -8.15 -23.68
CA PRO B 178 39.09 -6.85 -23.52
C PRO B 178 37.99 -5.78 -23.57
N GLU B 179 36.87 -6.03 -24.28
CA GLU B 179 35.81 -5.01 -24.42
C GLU B 179 34.86 -4.93 -23.20
N TYR B 180 34.56 -6.08 -22.56
CA TYR B 180 33.55 -6.05 -21.52
C TYR B 180 33.81 -7.20 -20.57
N LEU B 181 33.16 -7.12 -19.41
CA LEU B 181 33.36 -8.13 -18.38
C LEU B 181 31.95 -8.44 -17.84
N VAL B 182 31.65 -9.73 -17.70
CA VAL B 182 30.35 -10.10 -17.14
C VAL B 182 30.55 -10.85 -15.82
N HIS B 183 29.76 -10.44 -14.81
CA HIS B 183 29.66 -11.23 -13.58
C HIS B 183 28.23 -11.77 -13.52
N SER B 184 28.06 -13.08 -13.28
CA SER B 184 26.66 -13.51 -13.32
C SER B 184 26.46 -14.82 -12.56
N LYS B 185 25.18 -15.17 -12.35
CA LYS B 185 24.86 -16.41 -11.65
C LYS B 185 23.48 -16.90 -12.08
N THR B 186 23.37 -18.18 -12.46
CA THR B 186 22.10 -18.80 -12.82
C THR B 186 21.41 -19.39 -11.60
N GLY B 187 20.10 -19.64 -11.78
CA GLY B 187 19.45 -20.50 -10.82
C GLY B 187 18.34 -21.32 -11.50
N TRP B 188 18.00 -22.45 -10.90
CA TRP B 188 16.86 -23.25 -11.31
C TRP B 188 16.26 -23.81 -10.03
N GLY B 189 15.11 -23.27 -9.68
CA GLY B 189 14.42 -23.72 -8.46
C GLY B 189 13.33 -24.74 -8.82
N MET B 190 13.62 -26.02 -8.62
CA MET B 190 12.62 -27.03 -8.95
CA MET B 190 12.65 -27.06 -8.94
C MET B 190 11.79 -27.35 -7.71
N GLY B 191 12.21 -26.81 -6.55
CA GLY B 191 11.50 -27.05 -5.30
C GLY B 191 10.26 -26.18 -5.10
N VAL B 192 9.86 -25.40 -6.12
CA VAL B 192 8.61 -24.64 -6.12
C VAL B 192 7.85 -24.94 -7.41
N THR B 193 6.57 -24.53 -7.45
CA THR B 193 5.69 -24.63 -8.61
C THR B 193 5.04 -23.27 -8.82
N PRO B 194 5.13 -22.68 -10.03
CA PRO B 194 5.94 -23.24 -11.12
C PRO B 194 7.43 -23.19 -10.75
N GLN B 195 8.23 -23.98 -11.44
CA GLN B 195 9.68 -23.91 -11.27
C GLN B 195 10.17 -22.55 -11.75
N VAL B 196 11.26 -22.06 -11.14
CA VAL B 196 11.71 -20.73 -11.52
C VAL B 196 13.12 -20.84 -12.10
N GLY B 197 13.37 -20.03 -13.13
CA GLY B 197 14.73 -19.97 -13.63
C GLY B 197 15.25 -18.56 -13.51
N TRP B 198 16.56 -18.43 -13.14
CA TRP B 198 17.13 -17.13 -12.94
C TRP B 198 18.42 -16.97 -13.76
N TRP B 199 18.71 -15.74 -14.11
CA TRP B 199 20.08 -15.33 -14.45
C TRP B 199 20.20 -13.88 -13.95
N VAL B 200 21.17 -13.64 -13.07
CA VAL B 200 21.36 -12.30 -12.48
C VAL B 200 22.83 -11.92 -12.61
N GLY B 201 23.09 -10.62 -12.63
CA GLY B 201 24.49 -10.19 -12.70
C GLY B 201 24.66 -8.75 -13.11
N TRP B 202 25.88 -8.45 -13.60
CA TRP B 202 26.12 -7.15 -14.13
C TRP B 202 27.19 -7.22 -15.22
N VAL B 203 27.19 -6.14 -16.03
CA VAL B 203 28.09 -6.10 -17.19
C VAL B 203 28.81 -4.77 -17.09
N GLU B 204 30.13 -4.81 -17.27
CA GLU B 204 30.94 -3.60 -17.30
C GLU B 204 31.44 -3.49 -18.73
N LYS B 205 31.13 -2.38 -19.41
CA LYS B 205 31.60 -2.22 -20.79
C LYS B 205 32.01 -0.75 -20.94
N GLU B 206 33.19 -0.51 -21.53
CA GLU B 206 33.73 0.84 -21.60
C GLU B 206 33.79 1.41 -20.20
N THR B 207 33.20 2.57 -19.95
CA THR B 207 33.22 3.09 -18.59
C THR B 207 31.84 3.05 -17.94
N GLU B 208 30.99 2.14 -18.40
CA GLU B 208 29.64 2.10 -17.88
C GLU B 208 29.40 0.74 -17.25
N VAL B 209 28.33 0.66 -16.46
CA VAL B 209 27.97 -0.60 -15.80
C VAL B 209 26.46 -0.80 -15.87
N TYR B 210 26.04 -2.02 -16.13
CA TYR B 210 24.61 -2.35 -16.22
CA TYR B 210 24.61 -2.32 -16.16
C TYR B 210 24.32 -3.51 -15.27
N PHE B 211 23.27 -3.36 -14.44
CA PHE B 211 22.94 -4.45 -13.52
C PHE B 211 21.70 -5.12 -14.10
N PHE B 212 21.59 -6.44 -14.01
CA PHE B 212 20.43 -7.12 -14.58
C PHE B 212 19.95 -8.25 -13.67
N ALA B 213 18.64 -8.56 -13.83
CA ALA B 213 18.10 -9.75 -13.21
C ALA B 213 16.99 -10.24 -14.13
N PHE B 214 17.05 -11.54 -14.42
CA PHE B 214 16.01 -12.17 -15.25
C PHE B 214 15.45 -13.37 -14.51
N ASN B 215 14.09 -13.51 -14.50
CA ASN B 215 13.60 -14.81 -14.10
C ASN B 215 12.42 -15.24 -14.98
N MET B 216 12.14 -16.53 -14.94
CA MET B 216 11.06 -17.03 -15.79
C MET B 216 10.49 -18.28 -15.15
N ASP B 217 9.23 -18.63 -15.51
CA ASP B 217 8.78 -19.97 -15.23
C ASP B 217 9.42 -20.99 -16.17
N ILE B 218 9.90 -22.09 -15.61
CA ILE B 218 10.48 -23.16 -16.40
C ILE B 218 9.37 -24.20 -16.62
N ASP B 219 8.85 -24.26 -17.86
CA ASP B 219 7.75 -25.18 -18.16
C ASP B 219 8.25 -26.61 -18.31
N ASN B 220 9.50 -26.77 -18.78
CA ASN B 220 10.19 -28.06 -18.78
C ASN B 220 11.71 -27.80 -18.90
N GLU B 221 12.52 -28.86 -18.69
CA GLU B 221 13.94 -28.74 -18.48
CA GLU B 221 13.94 -28.71 -18.47
C GLU B 221 14.62 -28.28 -19.77
N SER B 222 13.94 -28.52 -20.91
CA SER B 222 14.61 -28.26 -22.17
C SER B 222 14.63 -26.76 -22.47
N LYS B 223 13.80 -25.99 -21.73
CA LYS B 223 13.66 -24.53 -21.80
C LYS B 223 14.71 -23.81 -20.96
N LEU B 224 15.49 -24.56 -20.19
CA LEU B 224 16.46 -23.92 -19.31
C LEU B 224 17.37 -22.92 -20.03
N PRO B 225 17.93 -23.21 -21.23
CA PRO B 225 18.84 -22.23 -21.84
C PRO B 225 18.27 -20.84 -22.07
N LEU B 226 16.94 -20.69 -22.06
CA LEU B 226 16.33 -19.38 -22.32
C LEU B 226 16.62 -18.42 -21.16
N ARG B 227 17.02 -18.97 -20.01
CA ARG B 227 17.23 -18.07 -18.88
C ARG B 227 18.44 -17.19 -19.15
N LYS B 228 19.37 -17.66 -19.99
CA LYS B 228 20.48 -16.79 -20.36
C LYS B 228 20.24 -16.20 -21.75
N SER B 229 19.63 -16.95 -22.66
CA SER B 229 19.59 -16.45 -24.03
C SER B 229 18.64 -15.27 -24.23
N ILE B 230 17.48 -15.26 -23.55
CA ILE B 230 16.55 -14.14 -23.71
C ILE B 230 17.21 -12.86 -23.19
N PRO B 231 17.67 -12.80 -21.93
CA PRO B 231 18.34 -11.56 -21.51
C PRO B 231 19.62 -11.23 -22.30
N THR B 232 20.36 -12.25 -22.76
CA THR B 232 21.54 -11.96 -23.57
C THR B 232 21.11 -11.24 -24.85
N LYS B 233 20.05 -11.73 -25.50
CA LYS B 233 19.63 -11.08 -26.76
C LYS B 233 19.21 -9.64 -26.50
N ILE B 234 18.54 -9.41 -25.36
CA ILE B 234 18.10 -8.06 -25.00
C ILE B 234 19.30 -7.16 -24.82
N MET B 235 20.28 -7.61 -24.01
CA MET B 235 21.44 -6.80 -23.76
C MET B 235 22.28 -6.60 -25.03
N GLU B 236 22.37 -7.63 -25.90
CA GLU B 236 23.09 -7.45 -27.15
C GLU B 236 22.40 -6.36 -28.01
N SER B 237 21.06 -6.38 -28.06
N SER B 237 21.06 -6.32 -28.04
CA SER B 237 20.34 -5.37 -28.81
CA SER B 237 20.35 -5.31 -28.85
C SER B 237 20.73 -3.96 -28.36
C SER B 237 20.50 -3.89 -28.31
N GLU B 238 20.84 -3.77 -27.03
CA GLU B 238 21.05 -2.46 -26.44
C GLU B 238 22.51 -2.03 -26.58
N GLY B 239 23.38 -2.97 -26.96
CA GLY B 239 24.81 -2.69 -27.08
C GLY B 239 25.63 -3.00 -25.82
N ILE B 240 25.01 -3.64 -24.81
CA ILE B 240 25.64 -3.79 -23.49
C ILE B 240 26.61 -4.97 -23.50
N ILE B 241 26.20 -6.05 -24.17
CA ILE B 241 27.11 -7.17 -24.34
C ILE B 241 27.48 -7.19 -25.81
N GLY B 242 28.78 -7.38 -26.09
CA GLY B 242 29.28 -7.31 -27.46
C GLY B 242 30.42 -6.31 -27.55
N GLY B 243 31.34 -6.55 -28.48
CA GLY B 243 32.49 -5.66 -28.70
C GLY B 243 32.16 -4.53 -29.66
N SER C 1 -69.01 10.86 11.59
CA SER C 1 -69.41 9.96 12.71
C SER C 1 -68.55 10.20 13.96
N ILE C 2 -67.91 11.38 14.06
CA ILE C 2 -67.23 11.78 15.29
C ILE C 2 -68.16 11.61 16.49
N THR C 3 -67.60 11.06 17.58
CA THR C 3 -68.27 10.64 18.80
C THR C 3 -67.96 11.65 19.90
N GLU C 4 -68.92 11.91 20.82
CA GLU C 4 -68.61 12.77 21.95
C GLU C 4 -68.34 11.95 23.19
N ASN C 5 -67.19 12.20 23.82
CA ASN C 5 -66.88 11.58 25.10
C ASN C 5 -66.87 12.66 26.17
N THR C 6 -68.01 12.82 26.90
CA THR C 6 -68.11 13.92 27.84
C THR C 6 -67.19 13.79 29.04
N SER C 7 -66.70 12.57 29.33
CA SER C 7 -65.88 12.37 30.52
C SER C 7 -64.53 13.07 30.35
N TRP C 8 -64.09 13.23 29.08
CA TRP C 8 -62.85 13.96 28.84
C TRP C 8 -62.88 15.36 29.42
N ASN C 9 -64.10 15.95 29.56
CA ASN C 9 -64.14 17.30 30.10
C ASN C 9 -63.54 17.43 31.48
N LYS C 10 -63.40 16.34 32.23
CA LYS C 10 -62.88 16.51 33.56
C LYS C 10 -61.45 17.07 33.52
N GLU C 11 -60.74 16.79 32.42
CA GLU C 11 -59.36 17.23 32.33
C GLU C 11 -59.27 18.72 32.11
N PHE C 12 -60.34 19.32 31.57
CA PHE C 12 -60.33 20.75 31.30
C PHE C 12 -60.79 21.47 32.57
N SER C 13 -61.81 20.90 33.21
CA SER C 13 -62.31 21.62 34.37
C SER C 13 -61.32 21.50 35.55
N ALA C 14 -60.49 20.45 35.58
CA ALA C 14 -59.49 20.29 36.64
C ALA C 14 -58.50 21.46 36.58
N GLU C 15 -58.38 22.10 35.40
CA GLU C 15 -57.41 23.16 35.18
C GLU C 15 -58.07 24.48 34.84
N ALA C 16 -59.40 24.58 35.05
CA ALA C 16 -60.08 25.85 34.89
C ALA C 16 -59.94 26.44 33.50
N VAL C 17 -60.03 25.58 32.48
CA VAL C 17 -59.94 26.10 31.13
C VAL C 17 -61.04 25.54 30.24
N ASN C 18 -61.30 26.28 29.16
CA ASN C 18 -62.26 25.93 28.11
C ASN C 18 -61.48 25.43 26.90
N GLY C 19 -61.85 24.28 26.33
CA GLY C 19 -61.21 23.93 25.05
C GLY C 19 -61.74 22.62 24.47
N VAL C 20 -61.04 22.12 23.45
CA VAL C 20 -61.48 20.90 22.78
C VAL C 20 -60.27 20.03 22.49
N PHE C 21 -60.49 18.72 22.58
CA PHE C 21 -59.51 17.77 22.04
C PHE C 21 -60.26 16.90 21.03
N VAL C 22 -59.61 16.67 19.90
CA VAL C 22 -60.10 15.71 18.91
C VAL C 22 -59.04 14.61 18.77
N LEU C 23 -59.47 13.34 18.81
CA LEU C 23 -58.51 12.24 18.76
C LEU C 23 -59.07 11.16 17.83
N CYS C 24 -58.27 10.69 16.85
CA CYS C 24 -58.77 9.74 15.85
C CYS C 24 -57.81 8.56 15.82
N LYS C 25 -58.34 7.33 15.83
CA LYS C 25 -57.47 6.19 15.64
C LYS C 25 -57.56 5.72 14.19
N SER C 26 -56.39 5.47 13.60
CA SER C 26 -56.24 4.87 12.28
CA SER C 26 -56.26 4.86 12.28
C SER C 26 -56.49 5.87 11.17
N SER C 27 -57.63 6.58 11.22
CA SER C 27 -58.00 7.57 10.22
C SER C 27 -58.97 8.61 10.80
N SER C 28 -59.22 9.66 10.03
CA SER C 28 -60.10 10.74 10.47
C SER C 28 -61.55 10.28 10.37
N LYS C 29 -61.77 8.99 10.08
CA LYS C 29 -63.15 8.48 10.08
C LYS C 29 -63.54 7.83 11.42
N SER C 30 -62.61 7.72 12.37
CA SER C 30 -62.82 7.13 13.69
C SER C 30 -62.34 8.11 14.75
N CYS C 31 -63.14 9.14 15.07
CA CYS C 31 -62.70 10.23 15.95
C CYS C 31 -63.60 10.39 17.17
N ALA C 32 -63.05 10.93 18.26
CA ALA C 32 -63.86 11.33 19.40
C ALA C 32 -63.41 12.70 19.91
N THR C 33 -64.30 13.37 20.65
CA THR C 33 -63.96 14.71 21.15
C THR C 33 -64.71 14.90 22.47
N ASN C 34 -64.30 15.90 23.25
CA ASN C 34 -65.08 16.24 24.46
C ASN C 34 -66.21 17.19 24.12
N ASP C 35 -66.15 17.83 22.94
CA ASP C 35 -67.11 18.92 22.65
C ASP C 35 -67.33 18.98 21.14
N LEU C 36 -68.46 18.41 20.72
CA LEU C 36 -68.76 18.32 19.29
C LEU C 36 -68.75 19.68 18.58
N ALA C 37 -69.27 20.72 19.25
CA ALA C 37 -69.39 22.01 18.60
C ALA C 37 -68.01 22.59 18.42
N ARG C 38 -67.21 22.56 19.50
CA ARG C 38 -65.94 23.29 19.45
C ARG C 38 -64.98 22.55 18.51
N ALA C 39 -65.20 21.25 18.38
CA ALA C 39 -64.31 20.47 17.49
C ALA C 39 -64.33 21.04 16.06
N SER C 40 -65.46 21.58 15.59
CA SER C 40 -65.61 22.14 14.26
CA SER C 40 -65.54 22.13 14.25
C SER C 40 -65.47 23.66 14.21
N LYS C 41 -65.31 24.31 15.38
CA LYS C 41 -65.15 25.75 15.37
CA LYS C 41 -65.14 25.75 15.40
C LYS C 41 -63.75 26.14 14.88
N GLU C 42 -63.68 27.21 14.08
CA GLU C 42 -62.39 27.56 13.50
C GLU C 42 -61.69 28.62 14.32
N TYR C 43 -60.36 28.44 14.55
CA TYR C 43 -59.57 29.34 15.38
C TYR C 43 -58.30 29.75 14.64
N LEU C 44 -57.69 30.92 14.98
CA LEU C 44 -56.47 31.34 14.33
C LEU C 44 -55.40 30.27 14.59
N PRO C 45 -54.67 29.86 13.53
CA PRO C 45 -53.72 28.77 13.68
C PRO C 45 -52.42 29.12 14.42
N ALA C 46 -52.01 30.40 14.40
CA ALA C 46 -50.76 30.85 15.03
C ALA C 46 -49.64 29.93 14.53
N SER C 47 -48.81 29.47 15.46
CA SER C 47 -47.56 28.83 15.06
C SER C 47 -47.80 27.45 14.42
N THR C 48 -49.03 26.92 14.56
CA THR C 48 -49.31 25.66 13.87
C THR C 48 -49.30 25.87 12.35
N PHE C 49 -49.42 27.11 11.88
CA PHE C 49 -49.35 27.37 10.46
C PHE C 49 -47.95 27.08 9.90
N ILE C 51 -46.58 24.45 9.77
CA ILE C 51 -46.58 23.17 9.05
C ILE C 51 -46.87 23.40 7.56
N PRO C 52 -48.04 23.93 7.17
CA PRO C 52 -48.29 24.20 5.76
C PRO C 52 -47.29 25.19 5.15
N ASN C 53 -46.88 26.20 5.95
CA ASN C 53 -45.94 27.21 5.45
C ASN C 53 -44.61 26.54 5.06
N ALA C 54 -44.10 25.61 5.91
CA ALA C 54 -42.87 24.90 5.54
C ALA C 54 -43.04 24.11 4.24
N ILE C 55 -44.19 23.41 4.13
CA ILE C 55 -44.41 22.57 2.95
C ILE C 55 -44.48 23.45 1.69
N ILE C 56 -45.16 24.58 1.84
CA ILE C 56 -45.34 25.49 0.71
C ILE C 56 -44.00 26.12 0.37
N GLY C 57 -43.21 26.49 1.40
CA GLY C 57 -41.88 27.01 1.15
C GLY C 57 -40.99 26.05 0.36
N LEU C 58 -41.07 24.73 0.65
CA LEU C 58 -40.26 23.77 -0.09
C LEU C 58 -40.86 23.59 -1.49
N GLU C 59 -42.19 23.44 -1.62
CA GLU C 59 -42.80 23.23 -2.92
C GLU C 59 -42.46 24.33 -3.92
N THR C 60 -42.44 25.55 -3.43
CA THR C 60 -42.28 26.71 -4.29
C THR C 60 -40.80 26.96 -4.53
N GLY C 61 -39.92 26.29 -3.78
CA GLY C 61 -38.48 26.44 -3.94
C GLY C 61 -37.89 27.61 -3.16
N VAL C 62 -38.74 28.31 -2.40
CA VAL C 62 -38.35 29.37 -1.49
C VAL C 62 -37.38 28.81 -0.46
N ILE C 63 -37.69 27.63 0.06
CA ILE C 63 -36.79 26.84 0.87
C ILE C 63 -36.09 25.87 -0.08
N LYS C 64 -34.75 25.98 -0.21
CA LYS C 64 -34.00 25.26 -1.24
C LYS C 64 -34.17 23.75 -1.10
N ASN C 65 -33.98 23.24 0.10
CA ASN C 65 -34.03 21.81 0.35
C ASN C 65 -33.97 21.68 1.87
N GLU C 66 -33.79 20.44 2.35
CA GLU C 66 -33.89 20.17 3.77
C GLU C 66 -32.74 20.79 4.58
N HIS C 67 -31.64 21.21 3.91
CA HIS C 67 -30.44 21.61 4.63
C HIS C 67 -30.33 23.13 4.67
N GLN C 68 -31.33 23.83 4.14
CA GLN C 68 -31.36 25.29 4.13
C GLN C 68 -31.05 25.83 5.52
N VAL C 69 -30.13 26.79 5.62
CA VAL C 69 -29.94 27.52 6.86
C VAL C 69 -30.54 28.92 6.70
N PHE C 70 -31.32 29.33 7.70
CA PHE C 70 -31.98 30.62 7.74
C PHE C 70 -31.06 31.47 8.62
N LYS C 71 -30.30 32.38 7.97
CA LYS C 71 -29.30 33.18 8.66
C LYS C 71 -29.96 34.33 9.42
N TRP C 72 -29.50 34.56 10.65
CA TRP C 72 -29.95 35.70 11.43
C TRP C 72 -29.14 36.93 11.05
N ASP C 73 -29.86 38.01 10.67
CA ASP C 73 -29.28 39.23 10.13
C ASP C 73 -28.77 40.18 11.21
N GLY C 74 -28.83 39.77 12.48
CA GLY C 74 -28.35 40.63 13.57
C GLY C 74 -29.43 41.57 14.13
N LYS C 75 -30.42 41.96 13.32
CA LYS C 75 -31.52 42.79 13.79
C LYS C 75 -32.24 42.12 14.97
N PRO C 76 -32.61 42.87 16.04
CA PRO C 76 -33.30 42.29 17.20
C PRO C 76 -34.62 41.58 16.90
N ARG C 77 -34.90 40.49 17.64
CA ARG C 77 -36.09 39.68 17.47
C ARG C 77 -36.80 39.57 18.81
N ALA C 78 -38.07 39.13 18.79
CA ALA C 78 -38.92 39.20 19.96
C ALA C 78 -38.47 38.24 21.04
N MET C 79 -37.82 37.11 20.67
CA MET C 79 -37.34 36.08 21.60
C MET C 79 -35.85 35.85 21.35
N LYS C 80 -35.07 35.71 22.43
CA LYS C 80 -33.62 35.59 22.29
C LYS C 80 -33.31 34.28 21.57
N GLN C 81 -34.16 33.27 21.80
CA GLN C 81 -34.03 31.97 21.15
C GLN C 81 -34.18 32.04 19.63
N TRP C 82 -34.65 33.19 19.10
CA TRP C 82 -34.72 33.33 17.67
C TRP C 82 -33.51 34.09 17.11
N GLU C 83 -32.68 34.63 18.00
CA GLU C 83 -31.54 35.42 17.54
C GLU C 83 -30.36 34.51 17.28
N ARG C 84 -30.48 33.71 16.20
CA ARG C 84 -29.45 32.78 15.78
CA ARG C 84 -29.40 32.86 15.74
C ARG C 84 -29.74 32.27 14.39
N ASP C 85 -28.73 31.72 13.71
CA ASP C 85 -29.04 30.98 12.49
C ASP C 85 -29.82 29.72 12.88
N LEU C 86 -30.75 29.26 12.01
CA LEU C 86 -31.60 28.13 12.35
C LEU C 86 -31.72 27.23 11.13
N THR C 87 -31.83 25.93 11.41
CA THR C 87 -32.21 25.01 10.36
C THR C 87 -33.74 25.03 10.26
N LEU C 88 -34.26 24.29 9.27
CA LEU C 88 -35.72 24.30 9.16
C LEU C 88 -36.32 23.64 10.40
N ARG C 89 -35.73 22.48 10.84
CA ARG C 89 -36.28 21.87 12.04
C ARG C 89 -36.14 22.82 13.22
N GLY C 90 -34.97 23.47 13.33
CA GLY C 90 -34.75 24.43 14.41
C GLY C 90 -35.83 25.53 14.43
N ALA C 91 -36.07 26.12 13.27
CA ALA C 91 -37.03 27.23 13.17
C ALA C 91 -38.44 26.76 13.55
N ILE C 92 -38.78 25.54 13.14
CA ILE C 92 -40.08 24.98 13.49
C ILE C 92 -40.13 24.69 14.98
N GLN C 93 -39.09 24.08 15.51
CA GLN C 93 -39.17 23.61 16.90
C GLN C 93 -39.17 24.77 17.91
N VAL C 94 -38.57 25.92 17.56
CA VAL C 94 -38.56 27.08 18.46
C VAL C 94 -39.61 28.11 18.00
N SER C 95 -40.40 27.77 16.99
CA SER C 95 -41.45 28.65 16.45
C SER C 95 -40.94 30.04 16.05
N ALA C 96 -39.88 30.07 15.25
CA ALA C 96 -39.21 31.31 14.85
C ALA C 96 -40.02 32.05 13.79
N VAL C 97 -41.02 32.84 14.23
CA VAL C 97 -41.93 33.52 13.31
C VAL C 97 -41.20 34.38 12.26
N PRO C 98 -40.08 35.09 12.56
CA PRO C 98 -39.43 35.92 11.54
C PRO C 98 -38.96 35.13 10.33
N VAL C 99 -38.50 33.90 10.57
CA VAL C 99 -38.10 33.03 9.48
C VAL C 99 -39.32 32.79 8.60
N PHE C 100 -40.45 32.41 9.21
CA PHE C 100 -41.64 32.05 8.44
C PHE C 100 -42.28 33.26 7.79
N GLN C 101 -42.11 34.45 8.38
CA GLN C 101 -42.68 35.63 7.73
C GLN C 101 -41.90 35.95 6.46
N GLN C 102 -40.59 35.72 6.49
CA GLN C 102 -39.82 35.88 5.26
C GLN C 102 -40.19 34.84 4.21
N ILE C 103 -40.35 33.57 4.63
CA ILE C 103 -40.85 32.56 3.70
C ILE C 103 -42.20 33.00 3.09
N ALA C 104 -43.14 33.44 3.93
CA ALA C 104 -44.46 33.78 3.39
C ALA C 104 -44.35 34.94 2.36
N ARG C 105 -43.47 35.90 2.62
CA ARG C 105 -43.27 37.05 1.74
CA ARG C 105 -43.29 37.04 1.73
C ARG C 105 -42.80 36.59 0.36
N GLU C 106 -41.85 35.67 0.37
CA GLU C 106 -41.27 35.16 -0.86
C GLU C 106 -42.23 34.26 -1.60
N VAL C 107 -43.07 33.51 -0.86
CA VAL C 107 -44.07 32.67 -1.51
C VAL C 107 -45.06 33.58 -2.26
N GLY C 108 -45.57 34.57 -1.54
CA GLY C 108 -46.51 35.54 -2.11
C GLY C 108 -47.97 35.11 -2.01
N GLU C 109 -48.88 36.10 -2.09
CA GLU C 109 -50.29 35.82 -1.86
C GLU C 109 -50.88 34.82 -2.86
N VAL C 110 -50.61 35.00 -4.17
CA VAL C 110 -51.26 34.11 -5.14
C VAL C 110 -50.88 32.65 -4.86
N ARG C 111 -49.59 32.38 -4.65
CA ARG C 111 -49.20 30.98 -4.45
C ARG C 111 -49.67 30.50 -3.06
N MET C 112 -49.61 31.35 -2.04
CA MET C 112 -50.09 30.93 -0.73
C MET C 112 -51.57 30.54 -0.83
N GLN C 113 -52.38 31.34 -1.56
CA GLN C 113 -53.80 31.08 -1.66
C GLN C 113 -54.01 29.73 -2.37
N LYS C 114 -53.28 29.52 -3.44
CA LYS C 114 -53.45 28.34 -4.25
C LYS C 114 -53.20 27.08 -3.41
N TYR C 115 -52.12 27.10 -2.59
CA TYR C 115 -51.81 25.91 -1.81
C TYR C 115 -52.81 25.71 -0.68
N LEU C 116 -53.28 26.78 -0.02
CA LEU C 116 -54.26 26.56 1.04
C LEU C 116 -55.57 25.96 0.49
N LYS C 117 -55.86 26.29 -0.79
CA LYS C 117 -56.99 25.65 -1.45
C LYS C 117 -56.72 24.17 -1.66
N LYS C 118 -55.53 23.85 -2.17
CA LYS C 118 -55.22 22.45 -2.43
C LYS C 118 -55.22 21.66 -1.14
N PHE C 119 -54.78 22.33 -0.05
CA PHE C 119 -54.68 21.67 1.26
C PHE C 119 -55.99 21.68 2.05
N SER C 120 -57.05 22.31 1.51
CA SER C 120 -58.31 22.51 2.22
C SER C 120 -58.05 23.04 3.64
N TYR C 121 -57.29 24.13 3.73
CA TYR C 121 -56.79 24.56 5.02
C TYR C 121 -57.70 25.67 5.61
N GLY C 122 -58.63 25.23 6.46
CA GLY C 122 -59.50 26.13 7.21
C GLY C 122 -60.39 26.97 6.27
N ASN C 123 -60.63 28.23 6.66
CA ASN C 123 -61.42 29.14 5.84
C ASN C 123 -60.59 29.74 4.70
N GLN C 124 -59.31 29.36 4.55
CA GLN C 124 -58.42 29.75 3.47
C GLN C 124 -58.39 31.28 3.29
N ASN C 125 -58.57 32.02 4.38
CA ASN C 125 -58.65 33.48 4.27
C ASN C 125 -57.29 34.06 4.65
N ILE C 126 -56.50 34.50 3.67
CA ILE C 126 -55.16 34.98 3.98
C ILE C 126 -55.09 36.51 3.97
N SER C 127 -56.26 37.13 4.14
CA SER C 127 -56.35 38.55 4.49
C SER C 127 -55.64 38.80 5.81
N GLY C 128 -54.96 39.94 5.82
CA GLY C 128 -54.31 40.47 7.01
C GLY C 128 -52.86 40.89 6.74
N GLY C 129 -52.40 40.76 5.48
CA GLY C 129 -51.00 40.99 5.11
C GLY C 129 -50.28 39.65 4.97
N ILE C 130 -49.38 39.55 3.98
CA ILE C 130 -48.88 38.25 3.55
C ILE C 130 -48.06 37.65 4.69
N ASP C 131 -47.55 38.49 5.60
CA ASP C 131 -46.69 37.95 6.64
C ASP C 131 -47.39 38.04 8.00
N LYS C 132 -48.72 38.22 8.02
CA LYS C 132 -49.43 38.39 9.28
C LYS C 132 -50.69 37.55 9.36
N PHE C 133 -51.13 36.95 8.26
CA PHE C 133 -52.53 36.50 8.22
C PHE C 133 -52.80 35.41 9.26
N TRP C 134 -51.79 34.59 9.62
CA TRP C 134 -51.98 33.47 10.53
C TRP C 134 -51.72 33.87 11.98
N LEU C 135 -51.37 35.16 12.19
CA LEU C 135 -50.94 35.72 13.48
C LEU C 135 -51.96 36.73 14.00
N GLU C 136 -52.47 37.56 13.10
CA GLU C 136 -53.50 38.52 13.54
C GLU C 136 -54.52 38.79 12.45
N GLY C 137 -54.48 37.97 11.38
CA GLY C 137 -55.39 38.16 10.27
C GLY C 137 -56.66 37.33 10.43
N GLN C 138 -57.22 36.97 9.28
CA GLN C 138 -58.53 36.36 9.19
C GLN C 138 -58.50 34.84 9.03
N LEU C 139 -57.29 34.24 9.05
CA LEU C 139 -57.26 32.79 8.78
C LEU C 139 -57.76 32.06 10.03
N ARG C 140 -58.56 31.00 9.84
CA ARG C 140 -59.12 30.23 10.94
C ARG C 140 -59.23 28.77 10.49
N ILE C 141 -58.95 27.82 11.40
CA ILE C 141 -59.03 26.40 11.10
C ILE C 141 -59.48 25.68 12.37
N SER C 142 -60.34 24.66 12.19
CA SER C 142 -60.84 23.88 13.30
C SER C 142 -59.90 22.72 13.69
N ALA C 143 -60.15 22.16 14.89
CA ALA C 143 -59.42 20.99 15.34
C ALA C 143 -59.64 19.81 14.39
N VAL C 144 -60.88 19.64 13.90
CA VAL C 144 -61.19 18.54 12.98
C VAL C 144 -60.37 18.70 11.71
N ASN C 145 -60.32 19.92 11.18
CA ASN C 145 -59.60 20.18 9.95
C ASN C 145 -58.08 20.00 10.16
N GLN C 146 -57.55 20.33 11.36
CA GLN C 146 -56.14 20.08 11.60
C GLN C 146 -55.88 18.58 11.51
N VAL C 147 -56.76 17.78 12.12
CA VAL C 147 -56.53 16.33 12.07
C VAL C 147 -56.61 15.85 10.60
N GLU C 148 -57.54 16.36 9.78
CA GLU C 148 -57.62 15.91 8.39
C GLU C 148 -56.36 16.27 7.63
N PHE C 149 -55.86 17.50 7.89
CA PHE C 149 -54.67 18.00 7.22
C PHE C 149 -53.47 17.13 7.62
N LEU C 150 -53.35 16.81 8.93
CA LEU C 150 -52.14 16.10 9.37
C LEU C 150 -52.21 14.63 8.90
N GLU C 151 -53.43 14.06 8.87
CA GLU C 151 -53.62 12.74 8.29
C GLU C 151 -53.12 12.74 6.84
N SER C 152 -53.48 13.76 6.05
CA SER C 152 -52.97 13.80 4.68
C SER C 152 -51.44 13.89 4.65
N LEU C 153 -50.85 14.71 5.54
CA LEU C 153 -49.38 14.76 5.59
C LEU C 153 -48.78 13.40 5.94
N TYR C 154 -49.32 12.72 6.98
CA TYR C 154 -48.78 11.44 7.40
C TYR C 154 -48.79 10.46 6.22
N LEU C 155 -49.86 10.54 5.43
CA LEU C 155 -50.03 9.64 4.28
C LEU C 155 -49.34 10.08 3.00
N ASN C 156 -48.69 11.25 2.98
CA ASN C 156 -48.05 11.83 1.82
C ASN C 156 -49.08 12.13 0.75
N LYS C 157 -50.32 12.38 1.19
CA LYS C 157 -51.38 12.70 0.23
C LYS C 157 -51.64 14.20 0.07
N LEU C 158 -50.88 15.09 0.71
CA LEU C 158 -51.05 16.49 0.32
C LEU C 158 -50.57 16.76 -1.11
N SER C 159 -51.00 17.90 -1.69
CA SER C 159 -50.62 18.27 -3.06
C SER C 159 -49.25 18.92 -3.03
N ALA C 160 -48.25 18.07 -2.79
CA ALA C 160 -46.85 18.44 -2.70
C ALA C 160 -46.05 17.16 -2.91
N SER C 161 -44.75 17.30 -3.22
CA SER C 161 -43.96 16.10 -3.43
C SER C 161 -43.89 15.25 -2.16
N LYS C 162 -43.75 13.92 -2.32
CA LYS C 162 -43.49 13.08 -1.17
C LYS C 162 -42.23 13.57 -0.44
N GLU C 163 -41.17 13.88 -1.21
CA GLU C 163 -39.92 14.31 -0.60
C GLU C 163 -40.21 15.46 0.37
N ASN C 164 -40.98 16.46 -0.06
CA ASN C 164 -41.11 17.66 0.76
C ASN C 164 -42.00 17.36 1.97
N GLN C 165 -42.97 16.46 1.81
CA GLN C 165 -43.78 16.03 2.95
C GLN C 165 -42.91 15.29 3.96
N LEU C 166 -41.99 14.43 3.49
CA LEU C 166 -41.10 13.71 4.40
C LEU C 166 -40.17 14.69 5.14
N ILE C 167 -39.62 15.67 4.43
CA ILE C 167 -38.72 16.65 5.05
C ILE C 167 -39.42 17.37 6.24
N VAL C 168 -40.66 17.79 6.00
CA VAL C 168 -41.34 18.51 7.08
C VAL C 168 -41.73 17.54 8.20
N LYS C 169 -42.05 16.28 7.85
CA LYS C 169 -42.39 15.35 8.91
C LYS C 169 -41.18 15.14 9.82
N GLU C 170 -39.98 14.97 9.24
CA GLU C 170 -38.87 14.78 10.15
C GLU C 170 -38.64 16.02 11.03
N ALA C 171 -38.91 17.21 10.50
CA ALA C 171 -38.74 18.43 11.27
C ALA C 171 -39.74 18.52 12.42
N LEU C 172 -40.83 17.75 12.35
CA LEU C 172 -41.86 17.80 13.38
C LEU C 172 -41.73 16.71 14.43
N VAL C 173 -40.75 15.80 14.30
CA VAL C 173 -40.62 14.77 15.33
C VAL C 173 -40.30 15.44 16.66
N THR C 174 -41.04 15.04 17.74
CA THR C 174 -40.77 15.59 19.05
C THR C 174 -40.48 14.52 20.11
N GLU C 175 -40.88 13.27 19.87
CA GLU C 175 -40.48 12.18 20.78
C GLU C 175 -40.24 10.93 19.93
N ALA C 176 -39.22 10.16 20.29
CA ALA C 176 -38.81 9.00 19.52
C ALA C 176 -38.48 7.89 20.53
N ALA C 177 -39.05 6.74 20.29
CA ALA C 177 -38.67 5.50 20.95
C ALA C 177 -38.80 4.44 19.88
N PRO C 178 -38.32 3.21 20.12
CA PRO C 178 -38.24 2.25 19.02
C PRO C 178 -39.60 1.95 18.41
N GLU C 179 -40.66 1.86 19.23
CA GLU C 179 -41.97 1.61 18.64
C GLU C 179 -42.96 2.71 19.00
N TYR C 180 -42.46 3.95 19.14
CA TYR C 180 -43.36 5.04 19.54
C TYR C 180 -42.75 6.33 19.00
N LEU C 181 -43.49 7.02 18.10
CA LEU C 181 -42.93 8.21 17.52
C LEU C 181 -43.99 9.28 17.52
N VAL C 182 -43.61 10.50 17.93
CA VAL C 182 -44.60 11.57 17.99
C VAL C 182 -44.15 12.70 17.07
N HIS C 183 -45.08 13.18 16.22
CA HIS C 183 -44.85 14.40 15.45
C HIS C 183 -45.85 15.43 15.97
N SER C 184 -45.41 16.64 16.31
CA SER C 184 -46.35 17.55 16.97
C SER C 184 -45.89 19.00 16.79
N LYS C 185 -46.85 19.92 17.02
CA LYS C 185 -46.52 21.35 16.89
C LYS C 185 -47.46 22.12 17.83
N THR C 186 -46.86 22.99 18.65
CA THR C 186 -47.66 23.87 19.49
C THR C 186 -48.06 25.18 18.79
N GLY C 187 -49.04 25.85 19.40
CA GLY C 187 -49.30 27.23 18.97
C GLY C 187 -49.85 28.07 20.13
N TRP C 188 -49.55 29.37 20.07
CA TRP C 188 -50.19 30.35 20.96
C TRP C 188 -50.52 31.59 20.12
N GLY C 189 -51.82 31.86 19.93
CA GLY C 189 -52.22 32.98 19.09
C GLY C 189 -52.61 34.15 19.98
N MET C 190 -51.76 35.15 20.18
CA MET C 190 -52.16 36.23 21.08
CA MET C 190 -52.13 36.24 21.08
C MET C 190 -52.73 37.41 20.28
N GLY C 191 -52.69 37.32 18.96
CA GLY C 191 -53.20 38.35 18.06
C GLY C 191 -54.72 38.29 17.84
N VAL C 192 -55.42 37.44 18.62
CA VAL C 192 -56.86 37.33 18.60
CA VAL C 192 -56.86 37.38 18.60
C VAL C 192 -57.37 37.34 20.04
N THR C 193 -58.68 37.60 20.20
CA THR C 193 -59.29 37.55 21.52
C THR C 193 -60.52 36.67 21.45
N PRO C 194 -60.69 35.67 22.34
CA PRO C 194 -59.66 35.32 23.34
C PRO C 194 -58.42 34.79 22.62
N GLN C 195 -57.31 34.73 23.36
CA GLN C 195 -56.10 34.12 22.80
C GLN C 195 -56.35 32.62 22.63
N VAL C 196 -55.60 31.98 21.71
CA VAL C 196 -55.80 30.53 21.50
C VAL C 196 -54.49 29.77 21.76
N GLY C 197 -54.59 28.62 22.42
CA GLY C 197 -53.44 27.73 22.56
C GLY C 197 -53.75 26.46 21.76
N TRP C 198 -52.72 25.94 21.07
CA TRP C 198 -52.89 24.71 20.30
C TRP C 198 -51.83 23.68 20.64
N TRP C 199 -52.21 22.40 20.47
CA TRP C 199 -51.18 21.38 20.21
C TRP C 199 -51.79 20.40 19.20
N VAL C 200 -51.10 20.19 18.08
CA VAL C 200 -51.64 19.26 17.09
C VAL C 200 -50.55 18.27 16.71
N GLY C 201 -50.96 17.06 16.28
CA GLY C 201 -49.90 16.15 15.83
C GLY C 201 -50.45 14.73 15.64
N TRP C 202 -49.54 13.76 15.68
CA TRP C 202 -50.02 12.37 15.61
C TRP C 202 -48.96 11.47 16.25
N VAL C 203 -49.44 10.31 16.67
CA VAL C 203 -48.63 9.36 17.44
C VAL C 203 -48.61 8.07 16.62
N GLU C 204 -47.40 7.55 16.38
CA GLU C 204 -47.28 6.26 15.72
C GLU C 204 -46.85 5.30 16.83
N LYS C 205 -47.74 4.37 17.23
CA LYS C 205 -47.48 3.52 18.37
C LYS C 205 -47.56 2.07 17.89
N GLU C 206 -46.45 1.33 17.92
CA GLU C 206 -46.44 0.01 17.27
C GLU C 206 -46.91 0.13 15.83
N THR C 207 -47.96 -0.60 15.42
CA THR C 207 -48.41 -0.43 14.05
C THR C 207 -49.70 0.39 13.93
N GLU C 208 -50.09 1.11 14.99
CA GLU C 208 -51.28 1.95 14.94
C GLU C 208 -50.87 3.42 14.82
N VAL C 209 -51.83 4.26 14.39
CA VAL C 209 -51.57 5.69 14.36
C VAL C 209 -52.76 6.40 14.98
N TYR C 210 -52.46 7.51 15.69
CA TYR C 210 -53.54 8.26 16.33
C TYR C 210 -53.28 9.73 15.95
N PHE C 211 -54.29 10.40 15.40
CA PHE C 211 -54.11 11.81 15.07
C PHE C 211 -54.78 12.67 16.14
N PHE C 212 -54.20 13.85 16.43
CA PHE C 212 -54.90 14.63 17.45
C PHE C 212 -54.81 16.12 17.19
N ALA C 213 -55.78 16.86 17.77
CA ALA C 213 -55.66 18.32 17.73
C ALA C 213 -56.36 18.84 18.98
N PHE C 214 -55.68 19.79 19.65
CA PHE C 214 -56.19 20.35 20.89
C PHE C 214 -56.16 21.86 20.74
N ASN C 215 -57.25 22.56 21.17
CA ASN C 215 -57.07 24.00 21.37
C ASN C 215 -57.86 24.43 22.61
N MET C 216 -57.52 25.61 23.10
CA MET C 216 -58.12 26.10 24.35
C MET C 216 -58.02 27.62 24.35
N ASP C 217 -58.88 28.25 25.16
CA ASP C 217 -58.77 29.71 25.33
C ASP C 217 -57.70 30.01 26.38
N ILE C 218 -56.75 30.91 26.06
CA ILE C 218 -55.55 31.21 26.86
C ILE C 218 -55.79 32.62 27.40
N ASP C 219 -55.77 32.79 28.74
CA ASP C 219 -55.73 34.14 29.31
C ASP C 219 -54.34 34.76 29.13
N ASN C 220 -53.31 33.95 29.41
CA ASN C 220 -51.91 34.35 29.33
C ASN C 220 -50.99 33.13 29.43
N GLU C 221 -49.70 33.40 29.22
CA GLU C 221 -48.64 32.43 29.05
C GLU C 221 -48.70 31.36 30.15
N SER C 222 -49.24 31.67 31.34
CA SER C 222 -49.07 30.76 32.45
C SER C 222 -49.78 29.41 32.20
N LYS C 223 -50.84 29.42 31.39
CA LYS C 223 -51.63 28.21 31.15
C LYS C 223 -51.13 27.43 29.93
N LEU C 224 -50.09 27.91 29.28
CA LEU C 224 -49.60 27.24 28.06
C LEU C 224 -49.26 25.75 28.24
N PRO C 225 -48.64 25.29 29.36
CA PRO C 225 -48.32 23.87 29.47
C PRO C 225 -49.49 22.91 29.34
N LEU C 226 -50.72 23.43 29.52
CA LEU C 226 -51.94 22.63 29.48
C LEU C 226 -52.20 22.14 28.06
N ARG C 227 -51.64 22.85 27.06
CA ARG C 227 -51.76 22.44 25.65
C ARG C 227 -51.21 21.02 25.48
N LYS C 228 -50.20 20.63 26.30
CA LYS C 228 -49.67 19.27 26.25
C LYS C 228 -50.26 18.38 27.32
N SER C 229 -50.47 18.91 28.55
CA SER C 229 -50.85 18.03 29.65
C SER C 229 -52.29 17.52 29.56
N ILE C 230 -53.20 18.34 29.02
CA ILE C 230 -54.57 17.86 28.94
C ILE C 230 -54.66 16.76 27.87
N PRO C 231 -54.13 16.95 26.65
CA PRO C 231 -54.07 15.85 25.68
C PRO C 231 -53.36 14.60 26.19
N THR C 232 -52.25 14.80 26.93
CA THR C 232 -51.53 13.65 27.46
C THR C 232 -52.43 12.85 28.40
N LYS C 233 -53.15 13.54 29.30
CA LYS C 233 -54.03 12.82 30.20
C LYS C 233 -55.16 12.10 29.47
N ILE C 234 -55.76 12.73 28.45
CA ILE C 234 -56.81 12.03 27.72
C ILE C 234 -56.24 10.83 26.95
N MET C 235 -55.05 11.03 26.35
CA MET C 235 -54.55 9.92 25.56
C MET C 235 -54.13 8.75 26.46
N GLU C 236 -53.66 9.06 27.67
CA GLU C 236 -53.40 8.03 28.66
C GLU C 236 -54.67 7.24 28.99
N SER C 237 -55.81 7.95 29.10
CA SER C 237 -57.06 7.29 29.46
CA SER C 237 -57.06 7.27 29.46
C SER C 237 -57.52 6.38 28.32
N GLU C 238 -57.07 6.67 27.11
CA GLU C 238 -57.43 5.93 25.91
CA GLU C 238 -57.48 5.88 25.97
C GLU C 238 -56.44 4.80 25.69
N GLY C 239 -55.45 4.68 26.59
CA GLY C 239 -54.49 3.58 26.47
C GLY C 239 -53.37 3.82 25.45
N ILE C 240 -53.24 5.06 24.98
CA ILE C 240 -52.27 5.36 23.93
C ILE C 240 -50.87 5.55 24.53
N ILE C 241 -50.77 6.11 25.73
CA ILE C 241 -49.45 6.51 26.23
C ILE C 241 -48.64 5.32 26.78
N GLY C 242 -49.28 4.50 27.62
CA GLY C 242 -48.58 3.45 28.37
C GLY C 242 -48.89 2.07 27.83
N SER D 1 66.76 -27.10 -8.99
CA SER D 1 65.27 -27.15 -8.66
C SER D 1 64.45 -27.16 -9.95
N ILE D 2 64.33 -25.99 -10.60
CA ILE D 2 63.82 -25.87 -11.98
C ILE D 2 64.48 -26.88 -12.92
N THR D 3 63.66 -27.56 -13.74
CA THR D 3 64.14 -28.59 -14.62
C THR D 3 64.04 -28.14 -16.07
N GLU D 4 64.92 -28.68 -16.92
CA GLU D 4 64.88 -28.32 -18.32
C GLU D 4 64.16 -29.40 -19.13
N ASN D 5 63.18 -28.97 -19.94
CA ASN D 5 62.50 -29.88 -20.85
C ASN D 5 62.84 -29.44 -22.27
N THR D 6 63.87 -30.12 -22.86
CA THR D 6 64.34 -29.70 -24.18
C THR D 6 63.31 -29.88 -25.29
N SER D 7 62.34 -30.79 -25.09
CA SER D 7 61.39 -31.08 -26.17
C SER D 7 60.50 -29.85 -26.44
N TRP D 8 60.32 -28.97 -25.42
CA TRP D 8 59.52 -27.77 -25.61
C TRP D 8 60.12 -26.88 -26.69
N ASN D 9 61.44 -27.02 -26.97
CA ASN D 9 62.03 -26.15 -27.99
C ASN D 9 61.41 -26.34 -29.37
N LYS D 10 60.76 -27.47 -29.61
CA LYS D 10 60.22 -27.67 -30.94
C LYS D 10 59.17 -26.60 -31.27
N GLU D 11 58.51 -26.10 -30.23
CA GLU D 11 57.48 -25.09 -30.45
C GLU D 11 58.06 -23.74 -30.86
N PHE D 12 59.33 -23.49 -30.51
CA PHE D 12 60.01 -22.26 -30.86
C PHE D 12 60.57 -22.40 -32.27
N SER D 13 61.20 -23.55 -32.51
CA SER D 13 61.83 -23.69 -33.82
C SER D 13 60.79 -23.84 -34.93
N ALA D 14 59.58 -24.35 -34.59
CA ALA D 14 58.48 -24.45 -35.55
C ALA D 14 58.10 -23.07 -36.11
N GLU D 15 58.37 -22.00 -35.34
CA GLU D 15 57.96 -20.65 -35.70
C GLU D 15 59.17 -19.75 -35.85
N ALA D 16 60.38 -20.34 -35.93
CA ALA D 16 61.56 -19.56 -36.25
C ALA D 16 61.82 -18.43 -35.26
N VAL D 17 61.64 -18.73 -33.96
CA VAL D 17 61.95 -17.71 -32.98
C VAL D 17 62.76 -18.29 -31.84
N ASN D 18 63.40 -17.36 -31.11
CA ASN D 18 64.17 -17.71 -29.93
C ASN D 18 63.46 -17.18 -28.69
N GLY D 19 63.35 -18.04 -27.65
CA GLY D 19 62.76 -17.47 -26.43
C GLY D 19 62.73 -18.51 -25.32
N VAL D 20 61.97 -18.20 -24.26
CA VAL D 20 61.92 -19.09 -23.12
C VAL D 20 60.46 -19.16 -22.62
N PHE D 21 60.12 -20.35 -22.11
CA PHE D 21 58.88 -20.47 -21.34
C PHE D 21 59.28 -21.08 -20.00
N VAL D 22 58.67 -20.55 -18.95
CA VAL D 22 58.81 -21.10 -17.60
C VAL D 22 57.41 -21.44 -17.12
N LEU D 23 57.24 -22.66 -16.56
CA LEU D 23 55.91 -23.12 -16.16
C LEU D 23 56.06 -23.86 -14.85
N CYS D 24 55.21 -23.52 -13.87
CA CYS D 24 55.34 -24.04 -12.49
C CYS D 24 53.96 -24.57 -12.10
N LYS D 25 53.93 -25.78 -11.54
CA LYS D 25 52.68 -26.24 -10.98
C LYS D 25 52.71 -26.04 -9.46
N SER D 26 51.59 -25.50 -8.95
CA SER D 26 51.33 -25.38 -7.51
CA SER D 26 51.33 -25.38 -7.51
C SER D 26 52.10 -24.23 -6.87
N SER D 27 53.41 -24.17 -7.10
CA SER D 27 54.26 -23.12 -6.56
C SER D 27 55.52 -22.98 -7.42
N SER D 28 56.29 -21.92 -7.14
CA SER D 28 57.49 -21.63 -7.92
C SER D 28 58.60 -22.60 -7.51
N LYS D 29 58.31 -23.58 -6.66
CA LYS D 29 59.33 -24.56 -6.31
C LYS D 29 59.27 -25.79 -7.22
N SER D 30 58.32 -25.84 -8.18
CA SER D 30 58.07 -26.96 -9.05
C SER D 30 57.95 -26.46 -10.50
N CYS D 31 59.08 -26.10 -11.12
CA CYS D 31 59.03 -25.41 -12.41
C CYS D 31 59.85 -26.14 -13.47
N ALA D 32 59.49 -25.94 -14.74
CA ALA D 32 60.24 -26.47 -15.87
C ALA D 32 60.37 -25.38 -16.93
N THR D 33 61.38 -25.52 -17.81
CA THR D 33 61.63 -24.50 -18.83
C THR D 33 62.27 -25.18 -20.02
N ASN D 34 62.24 -24.52 -21.18
CA ASN D 34 62.96 -25.10 -22.34
C ASN D 34 64.42 -24.70 -22.33
N ASP D 35 64.79 -23.66 -21.54
CA ASP D 35 66.14 -23.11 -21.62
C ASP D 35 66.48 -22.54 -20.25
N LEU D 36 67.34 -23.28 -19.53
CA LEU D 36 67.67 -22.89 -18.16
C LEU D 36 68.35 -21.53 -18.08
N ALA D 37 69.18 -21.18 -19.08
CA ALA D 37 69.90 -19.93 -18.99
C ALA D 37 68.93 -18.79 -19.22
N ARG D 38 68.12 -18.91 -20.28
CA ARG D 38 67.31 -17.76 -20.63
C ARG D 38 66.23 -17.55 -19.56
N ALA D 39 65.83 -18.65 -18.90
CA ALA D 39 64.81 -18.51 -17.84
C ALA D 39 65.19 -17.45 -16.81
N SER D 40 66.48 -17.33 -16.46
CA SER D 40 66.96 -16.37 -15.48
CA SER D 40 66.89 -16.34 -15.48
C SER D 40 67.52 -15.09 -16.10
N LYS D 41 67.55 -14.97 -17.43
CA LYS D 41 68.03 -13.74 -18.06
C LYS D 41 67.00 -12.62 -17.90
N GLU D 42 67.44 -11.37 -17.64
CA GLU D 42 66.51 -10.30 -17.37
C GLU D 42 66.24 -9.49 -18.62
N TYR D 43 64.96 -9.16 -18.87
CA TYR D 43 64.57 -8.43 -20.08
C TYR D 43 63.68 -7.26 -19.68
N LEU D 44 63.60 -6.23 -20.53
CA LEU D 44 62.75 -5.08 -20.26
C LEU D 44 61.30 -5.55 -20.14
N PRO D 45 60.58 -5.14 -19.08
CA PRO D 45 59.23 -5.68 -18.85
C PRO D 45 58.15 -5.14 -19.78
N ALA D 46 58.35 -3.94 -20.38
CA ALA D 46 57.34 -3.31 -21.23
C ALA D 46 55.98 -3.37 -20.51
N SER D 47 54.94 -3.69 -21.27
CA SER D 47 53.58 -3.56 -20.74
C SER D 47 53.30 -4.50 -19.57
N THR D 48 54.18 -5.51 -19.35
CA THR D 48 53.93 -6.36 -18.19
C THR D 48 54.17 -5.57 -16.89
N PHE D 49 54.84 -4.44 -16.98
CA PHE D 49 55.02 -3.59 -15.82
C PHE D 49 53.71 -2.98 -15.32
N ILE D 51 51.34 -4.45 -14.25
CA ILE D 51 50.87 -5.20 -13.07
C ILE D 51 51.39 -4.54 -11.79
N PRO D 52 52.71 -4.48 -11.54
CA PRO D 52 53.18 -3.76 -10.35
C PRO D 52 52.80 -2.28 -10.31
N ASN D 53 52.74 -1.62 -11.49
CA ASN D 53 52.39 -0.20 -11.57
C ASN D 53 50.95 0.01 -11.08
N ALA D 54 50.00 -0.89 -11.49
CA ALA D 54 48.64 -0.73 -10.98
C ALA D 54 48.59 -0.93 -9.45
N ILE D 55 49.32 -1.94 -8.94
CA ILE D 55 49.27 -2.22 -7.51
C ILE D 55 49.83 -1.02 -6.73
N ILE D 56 50.93 -0.49 -7.25
CA ILE D 56 51.57 0.65 -6.62
C ILE D 56 50.67 1.88 -6.69
N GLY D 57 50.02 2.09 -7.86
CA GLY D 57 49.07 3.19 -7.98
C GLY D 57 47.96 3.14 -6.93
N LEU D 58 47.44 1.93 -6.68
CA LEU D 58 46.38 1.78 -5.69
C LEU D 58 46.96 1.94 -4.27
N GLU D 59 48.11 1.33 -3.98
CA GLU D 59 48.68 1.39 -2.64
C GLU D 59 48.94 2.83 -2.21
N THR D 60 49.42 3.64 -3.14
CA THR D 60 49.86 5.00 -2.82
C THR D 60 48.65 5.94 -2.89
N GLY D 61 47.49 5.46 -3.36
CA GLY D 61 46.28 6.28 -3.41
C GLY D 61 46.19 7.15 -4.66
N VAL D 62 47.20 7.02 -5.54
CA VAL D 62 47.21 7.69 -6.83
C VAL D 62 45.99 7.24 -7.64
N ILE D 63 45.74 5.93 -7.65
CA ILE D 63 44.49 5.35 -8.13
C ILE D 63 43.53 5.24 -6.93
N LYS D 64 42.41 5.97 -7.00
CA LYS D 64 41.53 6.16 -5.84
C LYS D 64 40.98 4.84 -5.33
N ASN D 65 40.46 4.02 -6.24
CA ASN D 65 39.88 2.74 -5.88
C ASN D 65 39.64 1.99 -7.19
N GLU D 66 38.88 0.89 -7.12
CA GLU D 66 38.76 0.04 -8.30
C GLU D 66 37.91 0.71 -9.40
N HIS D 67 37.14 1.77 -9.05
CA HIS D 67 36.16 2.31 -9.98
C HIS D 67 36.67 3.58 -10.67
N GLN D 68 37.93 3.93 -10.41
CA GLN D 68 38.58 5.08 -11.01
C GLN D 68 38.44 5.07 -12.53
N VAL D 69 38.03 6.22 -13.11
CA VAL D 69 38.04 6.33 -14.56
C VAL D 69 39.22 7.25 -14.92
N PHE D 70 39.99 6.84 -15.93
CA PHE D 70 41.13 7.62 -16.42
C PHE D 70 40.59 8.34 -17.65
N LYS D 71 40.38 9.67 -17.50
CA LYS D 71 39.73 10.45 -18.55
C LYS D 71 40.73 10.79 -19.66
N TRP D 72 40.31 10.61 -20.90
CA TRP D 72 41.12 11.03 -22.03
C TRP D 72 40.98 12.55 -22.23
N ASP D 73 42.14 13.22 -22.33
CA ASP D 73 42.24 14.67 -22.43
C ASP D 73 42.04 15.18 -23.86
N GLY D 74 41.70 14.31 -24.82
CA GLY D 74 41.51 14.71 -26.20
C GLY D 74 42.81 14.85 -27.02
N LYS D 75 43.97 14.92 -26.37
CA LYS D 75 45.27 15.01 -27.05
C LYS D 75 45.60 13.66 -27.71
N PRO D 76 46.16 13.66 -28.95
CA PRO D 76 46.33 12.42 -29.72
C PRO D 76 47.26 11.43 -29.03
N ARG D 77 46.99 10.13 -29.21
CA ARG D 77 47.74 9.06 -28.56
C ARG D 77 48.22 8.13 -29.65
N ALA D 78 49.21 7.29 -29.35
CA ALA D 78 49.86 6.46 -30.35
C ALA D 78 48.91 5.44 -30.96
N MET D 79 47.85 5.06 -30.25
CA MET D 79 46.90 4.03 -30.71
C MET D 79 45.49 4.56 -30.51
N LYS D 80 44.62 4.32 -31.50
CA LYS D 80 43.26 4.83 -31.46
C LYS D 80 42.52 4.19 -30.29
N GLN D 81 42.85 2.92 -30.03
CA GLN D 81 42.39 2.11 -28.90
C GLN D 81 42.58 2.86 -27.57
N TRP D 82 43.55 3.79 -27.48
CA TRP D 82 43.78 4.50 -26.23
C TRP D 82 43.07 5.85 -26.18
N GLU D 83 42.44 6.25 -27.30
CA GLU D 83 41.84 7.59 -27.29
C GLU D 83 40.41 7.49 -26.79
N ARG D 84 40.28 7.27 -25.47
CA ARG D 84 38.98 7.21 -24.82
CA ARG D 84 38.98 7.12 -24.82
C ARG D 84 39.17 7.15 -23.31
N ASP D 85 38.12 7.47 -22.58
CA ASP D 85 38.16 7.23 -21.15
C ASP D 85 38.29 5.72 -20.91
N LEU D 86 39.04 5.32 -19.84
CA LEU D 86 39.24 3.90 -19.55
C LEU D 86 39.10 3.64 -18.05
N THR D 87 38.60 2.44 -17.77
CA THR D 87 38.65 1.89 -16.42
C THR D 87 40.04 1.30 -16.19
N LEU D 88 40.32 0.92 -14.93
CA LEU D 88 41.62 0.30 -14.68
C LEU D 88 41.76 -0.98 -15.49
N ARG D 89 40.70 -1.78 -15.49
CA ARG D 89 40.78 -3.03 -16.28
C ARG D 89 40.94 -2.67 -17.76
N GLY D 90 40.19 -1.67 -18.22
CA GLY D 90 40.30 -1.31 -19.62
C GLY D 90 41.75 -0.88 -19.96
N ALA D 91 42.31 0.00 -19.14
CA ALA D 91 43.66 0.49 -19.41
C ALA D 91 44.67 -0.66 -19.42
N ILE D 92 44.47 -1.64 -18.54
CA ILE D 92 45.41 -2.76 -18.48
C ILE D 92 45.21 -3.63 -19.70
N GLN D 93 43.96 -3.88 -20.05
CA GLN D 93 43.67 -4.86 -21.09
C GLN D 93 44.07 -4.36 -22.49
N VAL D 94 44.03 -3.03 -22.74
CA VAL D 94 44.45 -2.47 -24.02
CA VAL D 94 44.42 -2.40 -24.00
C VAL D 94 45.87 -1.91 -23.93
N SER D 95 46.55 -2.13 -22.79
CA SER D 95 47.91 -1.68 -22.55
C SER D 95 48.10 -0.17 -22.78
N ALA D 96 47.24 0.67 -22.19
CA ALA D 96 47.21 2.11 -22.44
C ALA D 96 48.34 2.82 -21.68
N VAL D 97 49.55 2.82 -22.30
CA VAL D 97 50.74 3.35 -21.65
C VAL D 97 50.57 4.79 -21.15
N PRO D 98 49.85 5.72 -21.82
CA PRO D 98 49.74 7.09 -21.32
C PRO D 98 49.10 7.17 -19.94
N VAL D 99 48.13 6.28 -19.69
CA VAL D 99 47.50 6.20 -18.38
C VAL D 99 48.55 5.81 -17.34
N PHE D 100 49.34 4.79 -17.63
CA PHE D 100 50.34 4.30 -16.68
C PHE D 100 51.52 5.27 -16.52
N GLN D 101 51.80 6.06 -17.55
CA GLN D 101 52.89 7.04 -17.43
C GLN D 101 52.45 8.15 -16.47
N GLN D 102 51.16 8.49 -16.52
CA GLN D 102 50.64 9.45 -15.56
C GLN D 102 50.64 8.90 -14.12
N ILE D 103 50.20 7.64 -13.97
CA ILE D 103 50.32 6.98 -12.68
C ILE D 103 51.76 7.04 -12.16
N ALA D 104 52.73 6.63 -12.99
CA ALA D 104 54.11 6.54 -12.51
C ALA D 104 54.60 7.95 -12.06
N ARG D 105 54.23 8.99 -12.80
CA ARG D 105 54.60 10.37 -12.49
CA ARG D 105 54.66 10.35 -12.47
C ARG D 105 54.15 10.75 -11.10
N GLU D 106 52.88 10.45 -10.82
CA GLU D 106 52.25 10.79 -9.55
C GLU D 106 52.84 9.95 -8.41
N VAL D 107 53.21 8.70 -8.68
CA VAL D 107 53.78 7.88 -7.62
C VAL D 107 55.14 8.47 -7.24
N GLY D 108 55.93 8.73 -8.29
CA GLY D 108 57.26 9.32 -8.16
C GLY D 108 58.37 8.31 -7.87
N GLU D 109 59.61 8.76 -8.08
CA GLU D 109 60.73 7.84 -8.08
C GLU D 109 60.93 7.22 -6.69
N VAL D 110 60.87 8.02 -5.61
CA VAL D 110 61.16 7.42 -4.31
C VAL D 110 60.17 6.30 -3.99
N ARG D 111 58.88 6.54 -4.21
CA ARG D 111 57.91 5.52 -3.85
C ARG D 111 58.01 4.34 -4.83
N MET D 112 58.22 4.62 -6.12
CA MET D 112 58.36 3.54 -7.10
C MET D 112 59.53 2.64 -6.70
N GLN D 113 60.71 3.22 -6.34
CA GLN D 113 61.84 2.41 -5.91
C GLN D 113 61.49 1.56 -4.68
N LYS D 114 60.84 2.15 -3.69
CA LYS D 114 60.55 1.46 -2.44
C LYS D 114 59.71 0.20 -2.73
N TYR D 115 58.72 0.36 -3.62
CA TYR D 115 57.83 -0.76 -3.90
C TYR D 115 58.53 -1.84 -4.71
N LEU D 116 59.37 -1.47 -5.69
CA LEU D 116 60.04 -2.50 -6.47
C LEU D 116 60.99 -3.30 -5.57
N LYS D 117 61.50 -2.64 -4.51
CA LYS D 117 62.32 -3.33 -3.55
C LYS D 117 61.48 -4.33 -2.77
N LYS D 118 60.32 -3.88 -2.31
CA LYS D 118 59.45 -4.77 -1.56
C LYS D 118 58.98 -5.95 -2.41
N PHE D 119 58.73 -5.70 -3.70
CA PHE D 119 58.24 -6.71 -4.63
C PHE D 119 59.35 -7.59 -5.20
N SER D 120 60.62 -7.29 -4.87
CA SER D 120 61.76 -7.98 -5.47
C SER D 120 61.63 -8.01 -7.01
N TYR D 121 61.40 -6.83 -7.60
CA TYR D 121 61.01 -6.81 -9.01
C TYR D 121 62.24 -6.58 -9.90
N GLY D 122 62.82 -7.68 -10.37
CA GLY D 122 63.90 -7.64 -11.35
C GLY D 122 65.15 -6.95 -10.78
N ASN D 123 65.84 -6.16 -11.64
CA ASN D 123 67.04 -5.48 -11.18
C ASN D 123 66.69 -4.17 -10.46
N GLN D 124 65.39 -3.86 -10.31
CA GLN D 124 64.89 -2.71 -9.58
C GLN D 124 65.54 -1.42 -10.07
N ASN D 125 65.91 -1.36 -11.35
CA ASN D 125 66.61 -0.18 -11.88
C ASN D 125 65.60 0.72 -12.59
N ILE D 126 65.20 1.84 -11.94
CA ILE D 126 64.16 2.68 -12.52
C ILE D 126 64.76 3.94 -13.13
N SER D 127 66.07 3.89 -13.42
CA SER D 127 66.72 4.85 -14.29
C SER D 127 66.10 4.80 -15.68
N GLY D 128 66.00 6.00 -16.26
CA GLY D 128 65.47 6.18 -17.61
C GLY D 128 64.35 7.24 -17.68
N GLY D 129 64.04 7.89 -16.54
CA GLY D 129 62.90 8.81 -16.45
C GLY D 129 61.71 8.08 -15.81
N ILE D 130 60.98 8.79 -14.93
CA ILE D 130 59.96 8.16 -14.09
C ILE D 130 58.87 7.55 -14.97
N ASP D 131 58.65 8.08 -16.17
CA ASP D 131 57.55 7.58 -16.98
C ASP D 131 58.10 6.77 -18.15
N LYS D 132 59.38 6.37 -18.11
CA LYS D 132 59.97 5.71 -19.26
C LYS D 132 60.76 4.45 -18.88
N PHE D 133 61.00 4.21 -17.58
CA PHE D 133 62.07 3.27 -17.23
C PHE D 133 61.74 1.84 -17.70
N TRP D 134 60.43 1.48 -17.78
CA TRP D 134 60.01 0.13 -18.15
C TRP D 134 59.80 -0.04 -19.66
N LEU D 135 60.02 1.05 -20.42
CA LEU D 135 59.75 1.15 -21.86
C LEU D 135 61.06 1.32 -22.64
N GLU D 136 61.97 2.13 -22.12
CA GLU D 136 63.27 2.26 -22.79
C GLU D 136 64.41 2.49 -21.79
N GLY D 137 64.13 2.28 -20.50
CA GLY D 137 65.09 2.55 -19.47
C GLY D 137 65.88 1.28 -19.13
N GLN D 138 66.35 1.24 -17.88
CA GLN D 138 67.28 0.21 -17.46
C GLN D 138 66.59 -0.94 -16.71
N LEU D 139 65.25 -0.92 -16.55
CA LEU D 139 64.64 -1.97 -15.73
C LEU D 139 64.65 -3.27 -16.52
N ARG D 140 64.91 -4.40 -15.81
CA ARG D 140 64.99 -5.69 -16.44
C ARG D 140 64.47 -6.74 -15.44
N ILE D 141 63.74 -7.75 -15.93
CA ILE D 141 63.24 -8.81 -15.05
C ILE D 141 63.21 -10.10 -15.83
N SER D 142 63.53 -11.21 -15.13
CA SER D 142 63.56 -12.53 -15.77
C SER D 142 62.19 -13.22 -15.76
N ALA D 143 62.03 -14.25 -16.62
CA ALA D 143 60.83 -15.10 -16.62
C ALA D 143 60.64 -15.76 -15.26
N VAL D 144 61.73 -16.18 -14.59
CA VAL D 144 61.56 -16.83 -13.28
C VAL D 144 61.03 -15.83 -12.25
N ASN D 145 61.58 -14.63 -12.28
CA ASN D 145 61.18 -13.58 -11.37
C ASN D 145 59.72 -13.18 -11.63
N GLN D 146 59.28 -13.18 -12.91
CA GLN D 146 57.88 -12.87 -13.15
C GLN D 146 57.00 -13.91 -12.48
N VAL D 147 57.38 -15.19 -12.61
CA VAL D 147 56.56 -16.25 -12.00
C VAL D 147 56.54 -16.06 -10.49
N GLU D 148 57.68 -15.70 -9.88
CA GLU D 148 57.71 -15.52 -8.43
C GLU D 148 56.81 -14.37 -7.99
N PHE D 149 56.88 -13.26 -8.76
CA PHE D 149 56.07 -12.10 -8.46
C PHE D 149 54.58 -12.43 -8.62
N LEU D 150 54.20 -13.16 -9.70
CA LEU D 150 52.77 -13.41 -9.90
C LEU D 150 52.26 -14.44 -8.87
N GLU D 151 53.15 -15.36 -8.46
CA GLU D 151 52.76 -16.29 -7.40
C GLU D 151 52.46 -15.50 -6.12
N SER D 152 53.29 -14.52 -5.78
CA SER D 152 52.99 -13.68 -4.63
C SER D 152 51.67 -12.93 -4.80
N LEU D 153 51.39 -12.40 -6.00
CA LEU D 153 50.10 -11.75 -6.19
C LEU D 153 48.94 -12.74 -5.98
N TYR D 154 49.00 -13.93 -6.62
CA TYR D 154 47.93 -14.90 -6.51
C TYR D 154 47.66 -15.20 -5.03
N LEU D 155 48.73 -15.25 -4.23
CA LEU D 155 48.61 -15.60 -2.81
C LEU D 155 48.31 -14.39 -1.91
N ASN D 156 48.21 -13.18 -2.46
CA ASN D 156 48.01 -11.94 -1.70
C ASN D 156 49.17 -11.69 -0.76
N LYS D 157 50.37 -12.16 -1.16
CA LYS D 157 51.53 -11.99 -0.29
C LYS D 157 52.44 -10.83 -0.71
N LEU D 158 52.09 -10.06 -1.75
CA LEU D 158 52.90 -8.86 -1.97
C LEU D 158 52.68 -7.87 -0.83
N SER D 159 53.63 -6.92 -0.70
CA SER D 159 53.58 -5.88 0.31
CA SER D 159 53.57 -5.89 0.33
C SER D 159 52.62 -4.78 -0.12
N ALA D 160 51.32 -5.13 -0.12
CA ALA D 160 50.23 -4.28 -0.52
C ALA D 160 48.98 -4.86 0.14
N SER D 161 47.93 -4.05 0.25
CA SER D 161 46.72 -4.58 0.88
C SER D 161 46.16 -5.76 0.07
N LYS D 162 45.48 -6.69 0.76
CA LYS D 162 44.79 -7.74 0.03
C LYS D 162 43.79 -7.10 -0.95
N GLU D 163 43.07 -6.07 -0.50
CA GLU D 163 42.06 -5.48 -1.37
C GLU D 163 42.71 -5.05 -2.68
N ASN D 164 43.88 -4.40 -2.62
CA ASN D 164 44.42 -3.84 -3.85
C ASN D 164 44.94 -4.97 -4.74
N GLN D 165 45.46 -6.03 -4.11
CA GLN D 165 45.87 -7.22 -4.87
C GLN D 165 44.66 -7.85 -5.56
N LEU D 166 43.51 -7.99 -4.87
CA LEU D 166 42.31 -8.52 -5.51
C LEU D 166 41.84 -7.61 -6.67
N ILE D 167 41.86 -6.30 -6.48
CA ILE D 167 41.42 -5.39 -7.54
C ILE D 167 42.24 -5.62 -8.81
N VAL D 168 43.55 -5.69 -8.67
CA VAL D 168 44.36 -5.87 -9.87
C VAL D 168 44.18 -7.27 -10.46
N LYS D 169 43.98 -8.29 -9.61
CA LYS D 169 43.75 -9.62 -10.12
C LYS D 169 42.48 -9.62 -10.98
N GLU D 170 41.39 -9.01 -10.50
CA GLU D 170 40.23 -9.04 -11.38
C GLU D 170 40.48 -8.33 -12.70
N ALA D 171 41.28 -7.26 -12.69
CA ALA D 171 41.59 -6.54 -13.91
C ALA D 171 42.41 -7.39 -14.89
N LEU D 172 43.08 -8.44 -14.40
CA LEU D 172 43.93 -9.29 -15.23
C LEU D 172 43.21 -10.53 -15.75
N VAL D 173 41.94 -10.76 -15.39
CA VAL D 173 41.30 -11.97 -15.89
C VAL D 173 41.15 -11.84 -17.41
N THR D 174 41.55 -12.91 -18.13
CA THR D 174 41.44 -12.92 -19.58
C THR D 174 40.62 -14.09 -20.11
N GLU D 175 40.43 -15.14 -19.31
CA GLU D 175 39.49 -16.17 -19.77
C GLU D 175 38.80 -16.72 -18.54
N ALA D 176 37.52 -17.09 -18.65
CA ALA D 176 36.78 -17.52 -17.48
C ALA D 176 35.90 -18.67 -17.97
N ALA D 177 35.97 -19.77 -17.25
CA ALA D 177 35.00 -20.86 -17.33
C ALA D 177 34.78 -21.38 -15.91
N PRO D 178 33.76 -22.24 -15.69
CA PRO D 178 33.39 -22.55 -14.30
C PRO D 178 34.53 -23.10 -13.45
N GLU D 179 35.40 -23.94 -14.04
CA GLU D 179 36.54 -24.47 -13.27
C GLU D 179 37.84 -24.16 -14.01
N TYR D 180 37.89 -23.02 -14.74
CA TYR D 180 39.13 -22.69 -15.45
C TYR D 180 39.20 -21.17 -15.55
N LEU D 181 40.24 -20.58 -14.93
CA LEU D 181 40.33 -19.13 -14.94
C LEU D 181 41.75 -18.74 -15.29
N VAL D 182 41.91 -17.77 -16.21
CA VAL D 182 43.24 -17.33 -16.59
C VAL D 182 43.41 -15.84 -16.26
N HIS D 183 44.52 -15.50 -15.58
CA HIS D 183 44.92 -14.11 -15.43
C HIS D 183 46.19 -13.94 -16.26
N SER D 184 46.29 -12.90 -17.10
CA SER D 184 47.48 -12.86 -17.94
C SER D 184 47.70 -11.44 -18.42
N LYS D 185 48.94 -11.20 -18.90
CA LYS D 185 49.26 -9.89 -19.47
C LYS D 185 50.35 -10.10 -20.53
N THR D 186 50.15 -9.45 -21.68
CA THR D 186 51.15 -9.40 -22.74
C THR D 186 52.12 -8.22 -22.58
N GLY D 187 53.23 -8.34 -23.31
CA GLY D 187 54.07 -7.16 -23.47
C GLY D 187 54.85 -7.22 -24.79
N TRP D 188 55.14 -6.03 -25.32
CA TRP D 188 56.04 -5.94 -26.48
C TRP D 188 56.94 -4.73 -26.21
N GLY D 189 58.24 -5.00 -25.98
CA GLY D 189 59.15 -3.90 -25.66
C GLY D 189 59.93 -3.50 -26.92
N MET D 190 59.59 -2.38 -27.56
CA MET D 190 60.30 -2.08 -28.81
CA MET D 190 60.28 -2.07 -28.80
C MET D 190 61.42 -1.08 -28.55
N GLY D 191 61.50 -0.57 -27.31
CA GLY D 191 62.49 0.40 -26.86
C GLY D 191 63.85 -0.21 -26.47
N VAL D 192 64.03 -1.50 -26.78
CA VAL D 192 65.27 -2.24 -26.56
CA VAL D 192 65.30 -2.19 -26.58
C VAL D 192 65.60 -3.04 -27.83
N THR D 193 66.88 -3.44 -27.96
CA THR D 193 67.27 -4.31 -29.06
C THR D 193 67.99 -5.53 -28.51
N PRO D 194 67.63 -6.77 -28.89
CA PRO D 194 66.45 -7.02 -29.73
C PRO D 194 65.18 -6.61 -28.99
N GLN D 195 64.08 -6.47 -29.75
CA GLN D 195 62.80 -6.20 -29.11
C GLN D 195 62.40 -7.42 -28.29
N VAL D 196 61.51 -7.22 -27.30
CA VAL D 196 61.09 -8.40 -26.51
C VAL D 196 59.55 -8.56 -26.55
N GLY D 197 59.10 -9.81 -26.64
CA GLY D 197 57.66 -10.10 -26.51
C GLY D 197 57.43 -10.92 -25.24
N TRP D 198 56.39 -10.59 -24.47
CA TRP D 198 56.13 -11.35 -23.25
C TRP D 198 54.68 -11.86 -23.24
N TRP D 199 54.46 -12.98 -22.53
CA TRP D 199 53.12 -13.23 -21.99
C TRP D 199 53.34 -13.85 -20.62
N VAL D 200 52.74 -13.28 -19.55
CA VAL D 200 52.92 -13.85 -18.23
C VAL D 200 51.56 -14.00 -17.56
N GLY D 201 51.47 -14.97 -16.65
CA GLY D 201 50.15 -15.09 -16.01
C GLY D 201 50.08 -16.36 -15.19
N TRP D 202 48.83 -16.75 -14.89
CA TRP D 202 48.64 -18.03 -14.21
C TRP D 202 47.24 -18.56 -14.53
N VAL D 203 47.13 -19.88 -14.42
CA VAL D 203 45.93 -20.62 -14.80
C VAL D 203 45.43 -21.32 -13.54
N GLU D 204 44.15 -21.13 -13.22
CA GLU D 204 43.57 -21.87 -12.09
C GLU D 204 42.65 -22.89 -12.74
N LYS D 205 42.98 -24.19 -12.61
CA LYS D 205 42.27 -25.23 -13.34
C LYS D 205 41.79 -26.22 -12.28
N GLU D 206 40.47 -26.34 -12.09
CA GLU D 206 39.95 -27.12 -10.99
C GLU D 206 40.59 -26.63 -9.69
N THR D 207 41.24 -27.51 -8.89
CA THR D 207 41.85 -26.98 -7.68
C THR D 207 43.37 -26.82 -7.81
N GLU D 208 43.91 -26.85 -9.04
CA GLU D 208 45.35 -26.69 -9.20
C GLU D 208 45.64 -25.29 -9.75
N VAL D 209 46.89 -24.83 -9.58
CA VAL D 209 47.30 -23.57 -10.16
C VAL D 209 48.61 -23.78 -10.91
N TYR D 210 48.74 -23.06 -12.04
CA TYR D 210 49.98 -23.16 -12.79
C TYR D 210 50.43 -21.74 -13.12
N PHE D 211 51.68 -21.39 -12.80
CA PHE D 211 52.20 -20.05 -13.06
C PHE D 211 53.05 -20.10 -14.33
N PHE D 212 52.99 -19.04 -15.16
CA PHE D 212 53.83 -19.13 -16.35
C PHE D 212 54.43 -17.78 -16.71
N ALA D 213 55.54 -17.84 -17.47
CA ALA D 213 56.06 -16.60 -18.03
C ALA D 213 56.83 -16.97 -19.32
N PHE D 214 56.56 -16.19 -20.37
CA PHE D 214 57.14 -16.46 -21.67
C PHE D 214 57.78 -15.18 -22.15
N ASN D 215 58.97 -15.28 -22.76
CA ASN D 215 59.43 -14.13 -23.53
C ASN D 215 60.19 -14.64 -24.76
N MET D 216 60.38 -13.75 -25.74
CA MET D 216 61.01 -14.13 -27.00
C MET D 216 61.57 -12.87 -27.63
N ASP D 217 62.52 -13.05 -28.55
CA ASP D 217 63.04 -11.90 -29.31
C ASP D 217 62.10 -11.63 -30.49
N ILE D 218 61.68 -10.37 -30.65
CA ILE D 218 60.67 -9.97 -31.65
C ILE D 218 61.45 -9.17 -32.70
N ASP D 219 61.35 -9.56 -33.99
CA ASP D 219 61.84 -8.71 -35.07
C ASP D 219 60.87 -7.55 -35.33
N ASN D 220 59.58 -7.88 -35.35
CA ASN D 220 58.51 -6.90 -35.49
C ASN D 220 57.15 -7.51 -35.16
N GLU D 221 56.12 -6.68 -35.26
CA GLU D 221 54.76 -6.92 -34.83
C GLU D 221 54.26 -8.27 -35.34
N SER D 222 54.78 -8.75 -36.46
CA SER D 222 54.08 -9.85 -37.13
C SER D 222 54.16 -11.13 -36.30
N LYS D 223 55.21 -11.23 -35.48
CA LYS D 223 55.40 -12.43 -34.67
C LYS D 223 54.74 -12.33 -33.29
N LEU D 224 54.03 -11.25 -32.99
CA LEU D 224 53.48 -11.07 -31.64
C LEU D 224 52.50 -12.18 -31.22
N PRO D 225 51.64 -12.76 -32.11
CA PRO D 225 50.73 -13.81 -31.63
C PRO D 225 51.38 -15.05 -31.05
N LEU D 226 52.68 -15.21 -31.35
CA LEU D 226 53.43 -16.37 -30.86
C LEU D 226 53.59 -16.31 -29.33
N ARG D 227 53.50 -15.13 -28.75
N ARG D 227 53.48 -15.09 -28.78
CA ARG D 227 53.65 -15.05 -27.29
CA ARG D 227 53.54 -14.83 -27.34
C ARG D 227 52.48 -15.76 -26.61
C ARG D 227 52.48 -15.67 -26.64
N LYS D 228 51.35 -15.95 -27.31
CA LYS D 228 50.28 -16.78 -26.74
C LYS D 228 50.30 -18.20 -27.27
N SER D 229 50.61 -18.36 -28.57
CA SER D 229 50.43 -19.66 -29.17
C SER D 229 51.52 -20.65 -28.76
N ILE D 230 52.75 -20.17 -28.52
CA ILE D 230 53.78 -21.12 -28.12
C ILE D 230 53.52 -21.59 -26.68
N PRO D 231 53.22 -20.69 -25.71
CA PRO D 231 52.79 -21.16 -24.38
C PRO D 231 51.58 -22.09 -24.41
N THR D 232 50.58 -21.78 -25.26
CA THR D 232 49.39 -22.61 -25.33
C THR D 232 49.76 -24.02 -25.77
N LYS D 233 50.63 -24.15 -26.80
CA LYS D 233 51.04 -25.48 -27.24
C LYS D 233 51.78 -26.24 -26.14
N ILE D 234 52.70 -25.58 -25.43
CA ILE D 234 53.40 -26.28 -24.36
C ILE D 234 52.43 -26.66 -23.25
N MET D 235 51.54 -25.73 -22.86
CA MET D 235 50.68 -26.10 -21.75
C MET D 235 49.74 -27.23 -22.15
N GLU D 236 49.31 -27.25 -23.40
CA GLU D 236 48.53 -28.38 -23.93
C GLU D 236 49.30 -29.70 -23.78
N SER D 237 50.62 -29.67 -24.09
CA SER D 237 51.42 -30.88 -24.05
CA SER D 237 51.36 -30.91 -24.04
C SER D 237 51.55 -31.32 -22.59
N GLU D 238 51.40 -30.38 -21.67
CA GLU D 238 51.52 -30.72 -20.26
C GLU D 238 50.16 -31.06 -19.67
N GLY D 239 49.11 -31.09 -20.51
CA GLY D 239 47.78 -31.50 -20.07
C GLY D 239 47.00 -30.40 -19.31
N ILE D 240 47.47 -29.15 -19.40
CA ILE D 240 46.82 -28.10 -18.63
C ILE D 240 45.59 -27.59 -19.38
N ILE D 241 45.60 -27.65 -20.71
CA ILE D 241 44.57 -26.95 -21.47
C ILE D 241 43.27 -27.76 -21.60
N GLY D 242 43.40 -29.04 -21.91
CA GLY D 242 42.28 -29.88 -22.33
C GLY D 242 41.91 -30.89 -21.27
#